data_6QZD
#
_entry.id   6QZD
#
_cell.length_a   67.420
_cell.length_b   76.730
_cell.length_c   90.130
_cell.angle_alpha   90.000
_cell.angle_beta   93.500
_cell.angle_gamma   90.000
#
_symmetry.space_group_name_H-M   'P 1 21 1'
#
loop_
_entity.id
_entity.type
_entity.pdbx_description
1 polymer 'HLA class II histocompatibility antigen, DR alpha chain'
2 polymer 'HLA class II histocompatibility antigen, DRB1-1 beta chain'
3 polymer 'Matrix protein 1'
4 non-polymer DI(HYDROXYETHYL)ETHER
5 non-polymer 1,2-ETHANEDIOL
6 non-polymer GLYCEROL
7 non-polymer 'SULFATE ION'
8 water water
#
loop_
_entity_poly.entity_id
_entity_poly.type
_entity_poly.pdbx_seq_one_letter_code
_entity_poly.pdbx_strand_id
1 'polypeptide(L)'
;EEHVIIQAEFYLNPDQSGEFMFDFDGDEIFHVDMAKKETVWRLEEFGRFASFEAQGALANIAVDKANLEIMTKRSNYTPI
TNVPPEVTVLTNSPVELREPNVLICFIDKFTPPVVNVTWLRNGKPVTTGVSETVFLPREDHLFRKFHYLPFLPSTEDVYD
CRVEHWGLDEPLLKHWEFDA
;
AAA,DDD
2 'polypeptide(L)'
;MGDTRPRFLWQLKFECHFFNGTERVRLLERCIYNQEESVRFDSDVGEYRAVTELGRPDAEYWNSQKDLLEQRRAAVDTYC
RHNYGVGESFTVQRRVEPKVTVYPSKTQPLQHHNLLVCSVSGFYPGSIEVRWFRNGQEEKAGVVSTGLIQNGDWTFQTLV
MLETVPRSGEVYTCQVEHPSVTSPLTVEWRA
;
BBB,EEE
3 'polypeptide(L)' SGPLKAEIAQRLED CCC,FFF
#
# COMPACT_ATOMS: atom_id res chain seq x y z
N GLU A 1 -7.96 -4.16 4.59
CA GLU A 1 -8.24 -5.62 4.51
C GLU A 1 -9.28 -5.86 3.43
N GLU A 2 -10.58 -5.73 3.74
CA GLU A 2 -11.62 -6.32 2.89
C GLU A 2 -12.25 -5.34 1.91
N HIS A 3 -12.67 -4.16 2.36
CA HIS A 3 -13.33 -3.27 1.41
C HIS A 3 -12.90 -1.84 1.71
N VAL A 4 -12.90 -1.02 0.66
CA VAL A 4 -12.43 0.36 0.74
C VAL A 4 -13.40 1.26 -0.01
N ILE A 5 -13.94 2.24 0.71
CA ILE A 5 -14.73 3.25 0.05
C ILE A 5 -13.93 4.54 0.07
N ILE A 6 -13.82 5.20 -1.09
CA ILE A 6 -13.09 6.45 -1.19
C ILE A 6 -13.97 7.58 -1.72
N GLN A 7 -13.84 8.74 -1.09
CA GLN A 7 -14.43 9.98 -1.59
C GLN A 7 -13.25 10.83 -2.03
N ALA A 8 -13.18 11.08 -3.33
CA ALA A 8 -12.01 11.74 -3.88
C ALA A 8 -12.46 12.97 -4.65
N GLU A 9 -11.86 14.11 -4.33
CA GLU A 9 -12.10 15.29 -5.12
C GLU A 9 -10.75 15.86 -5.48
N PHE A 10 -10.73 16.64 -6.57
CA PHE A 10 -9.55 17.44 -6.86
C PHE A 10 -9.93 18.79 -7.46
N TYR A 11 -8.96 19.71 -7.44
CA TYR A 11 -9.06 20.96 -8.16
C TYR A 11 -7.70 21.29 -8.77
N LEU A 12 -7.75 21.78 -10.02
CA LEU A 12 -6.57 21.92 -10.87
C LEU A 12 -6.62 23.32 -11.49
N ASN A 13 -5.50 24.05 -11.33
CA ASN A 13 -5.33 25.39 -11.87
C ASN A 13 -4.14 25.48 -12.81
N PRO A 14 -4.18 26.31 -13.88
CA PRO A 14 -5.24 27.29 -14.03
C PRO A 14 -6.41 26.85 -14.92
N ASP A 15 -6.64 25.54 -15.06
CA ASP A 15 -7.71 25.07 -15.93
C ASP A 15 -9.06 25.31 -15.28
N GLN A 16 -9.06 25.40 -13.93
CA GLN A 16 -10.24 25.45 -13.08
C GLN A 16 -11.11 24.22 -13.28
N SER A 17 -10.51 23.04 -13.24
CA SER A 17 -11.24 21.78 -13.33
C SER A 17 -11.47 21.20 -11.94
N GLY A 18 -12.72 20.86 -11.66
CA GLY A 18 -13.04 20.10 -10.47
C GLY A 18 -13.51 18.69 -10.79
N GLU A 19 -13.30 17.80 -9.85
CA GLU A 19 -13.98 16.52 -9.90
C GLU A 19 -14.36 16.12 -8.48
N PHE A 20 -15.44 15.34 -8.41
CA PHE A 20 -15.83 14.73 -7.17
C PHE A 20 -16.43 13.39 -7.52
N MET A 21 -15.93 12.31 -6.88
CA MET A 21 -16.52 10.98 -7.09
C MET A 21 -16.35 10.07 -5.87
N PHE A 22 -17.20 9.04 -5.80
CA PHE A 22 -17.08 7.94 -4.85
C PHE A 22 -16.62 6.68 -5.56
N ASP A 23 -15.74 5.92 -4.90
CA ASP A 23 -15.06 4.80 -5.51
C ASP A 23 -15.16 3.64 -4.52
N PHE A 24 -15.74 2.52 -4.97
CA PHE A 24 -15.79 1.31 -4.15
C PHE A 24 -14.81 0.28 -4.69
N ASP A 25 -13.66 0.16 -4.03
CA ASP A 25 -12.74 -0.92 -4.34
C ASP A 25 -12.20 -0.75 -5.76
N GLY A 26 -11.94 0.49 -6.17
CA GLY A 26 -11.34 0.76 -7.47
C GLY A 26 -12.39 1.07 -8.53
N ASP A 27 -13.64 0.72 -8.26
CA ASP A 27 -14.72 0.96 -9.21
C ASP A 27 -15.52 2.16 -8.73
N GLU A 28 -16.05 2.92 -9.68
CA GLU A 28 -16.68 4.19 -9.34
C GLU A 28 -18.17 3.97 -9.10
N ILE A 29 -18.70 4.57 -8.03
CA ILE A 29 -20.12 4.49 -7.75
C ILE A 29 -20.82 5.66 -8.45
N PHE A 30 -20.27 6.87 -8.33
CA PHE A 30 -20.81 8.00 -9.04
C PHE A 30 -19.84 9.17 -8.95
N HIS A 31 -19.99 10.10 -9.89
CA HIS A 31 -19.31 11.38 -9.80
C HIS A 31 -20.34 12.48 -9.94
N VAL A 32 -19.98 13.71 -9.61
CA VAL A 32 -20.85 14.86 -9.80
C VAL A 32 -20.28 15.71 -10.94
N ASP A 33 -21.14 16.06 -11.90
CA ASP A 33 -20.78 16.90 -13.03
C ASP A 33 -20.93 18.36 -12.62
N MET A 34 -19.81 19.12 -12.67
CA MET A 34 -19.79 20.51 -12.23
C MET A 34 -20.77 21.35 -13.05
N ALA A 35 -20.73 21.17 -14.39
CA ALA A 35 -21.49 21.94 -15.37
C ALA A 35 -22.99 21.86 -15.08
N LYS A 36 -23.53 20.63 -14.95
CA LYS A 36 -24.96 20.43 -14.79
C LYS A 36 -25.36 20.45 -13.32
N LYS A 37 -24.38 20.38 -12.41
CA LYS A 37 -24.56 20.30 -10.97
C LYS A 37 -25.45 19.12 -10.58
N GLU A 38 -25.22 17.93 -11.18
CA GLU A 38 -26.05 16.76 -10.89
C GLU A 38 -25.21 15.49 -10.73
N THR A 39 -25.79 14.46 -10.08
CA THR A 39 -25.09 13.23 -9.76
C THR A 39 -25.19 12.26 -10.93
N VAL A 40 -24.04 11.87 -11.51
CA VAL A 40 -24.06 10.87 -12.57
C VAL A 40 -23.68 9.51 -11.98
N TRP A 41 -24.52 8.50 -12.20
CA TRP A 41 -24.25 7.18 -11.64
C TRP A 41 -23.44 6.36 -12.64
N ARG A 42 -22.55 5.50 -12.16
CA ARG A 42 -21.74 4.74 -13.10
C ARG A 42 -22.61 3.67 -13.78
N LEU A 43 -23.54 3.09 -13.03
CA LEU A 43 -24.50 2.16 -13.62
C LEU A 43 -25.91 2.70 -13.37
N GLU A 44 -26.84 2.53 -14.32
CA GLU A 44 -28.14 3.13 -14.11
C GLU A 44 -28.80 2.54 -12.87
N GLU A 45 -28.58 1.25 -12.62
CA GLU A 45 -29.14 0.61 -11.44
C GLU A 45 -28.81 1.34 -10.14
N PHE A 46 -27.66 2.02 -10.03
CA PHE A 46 -27.29 2.63 -8.75
C PHE A 46 -28.27 3.74 -8.37
N GLY A 47 -28.73 4.49 -9.38
CA GLY A 47 -29.74 5.51 -9.22
C GLY A 47 -31.02 4.99 -8.56
N ARG A 48 -31.26 3.69 -8.67
CA ARG A 48 -32.50 3.09 -8.20
C ARG A 48 -32.40 2.64 -6.75
N PHE A 49 -31.18 2.49 -6.22
CA PHE A 49 -31.05 1.96 -4.87
C PHE A 49 -30.33 2.97 -3.96
N ALA A 50 -29.90 4.10 -4.51
CA ALA A 50 -29.19 5.07 -3.68
C ALA A 50 -29.46 6.48 -4.18
N SER A 51 -29.15 7.46 -3.32
CA SER A 51 -29.37 8.85 -3.67
C SER A 51 -28.16 9.63 -3.19
N PHE A 52 -27.95 10.81 -3.77
CA PHE A 52 -26.90 11.73 -3.31
C PHE A 52 -27.28 13.17 -3.61
N GLU A 53 -27.25 14.03 -2.58
CA GLU A 53 -27.50 15.44 -2.81
C GLU A 53 -26.22 16.11 -3.31
N ALA A 54 -26.24 16.54 -4.58
CA ALA A 54 -25.06 17.00 -5.29
C ALA A 54 -24.61 18.37 -4.80
N GLN A 55 -25.39 19.02 -3.93
CA GLN A 55 -25.00 20.33 -3.42
C GLN A 55 -23.81 20.22 -2.46
N GLY A 56 -23.67 19.07 -1.79
CA GLY A 56 -22.54 18.83 -0.93
C GLY A 56 -21.23 18.86 -1.71
N ALA A 57 -21.28 18.39 -2.98
CA ALA A 57 -20.10 18.29 -3.82
C ALA A 57 -19.64 19.67 -4.28
N LEU A 58 -20.57 20.42 -4.87
CA LEU A 58 -20.35 21.81 -5.25
C LEU A 58 -19.66 22.57 -4.10
N ALA A 59 -20.16 22.36 -2.87
CA ALA A 59 -19.71 23.09 -1.71
C ALA A 59 -18.25 22.76 -1.40
N ASN A 60 -17.84 21.50 -1.68
CA ASN A 60 -16.50 21.03 -1.38
C ASN A 60 -15.48 21.46 -2.42
N ILE A 61 -15.91 21.57 -3.68
CA ILE A 61 -15.04 22.08 -4.73
C ILE A 61 -14.71 23.55 -4.47
N ALA A 62 -15.69 24.30 -3.96
CA ALA A 62 -15.48 25.69 -3.58
C ALA A 62 -14.34 25.79 -2.56
N VAL A 63 -14.37 24.91 -1.55
CA VAL A 63 -13.38 24.96 -0.49
C VAL A 63 -12.03 24.49 -1.03
N ASP A 64 -12.04 23.57 -1.98
CA ASP A 64 -10.79 23.04 -2.51
C ASP A 64 -10.06 24.04 -3.39
N LYS A 65 -10.81 24.84 -4.15
CA LYS A 65 -10.28 26.00 -4.86
C LYS A 65 -9.61 26.97 -3.87
N ALA A 66 -10.32 27.37 -2.83
CA ALA A 66 -9.76 28.27 -1.83
C ALA A 66 -8.50 27.69 -1.19
N ASN A 67 -8.47 26.36 -1.06
CA ASN A 67 -7.35 25.67 -0.42
C ASN A 67 -6.17 25.66 -1.41
N LEU A 68 -6.47 25.34 -2.66
CA LEU A 68 -5.40 25.25 -3.63
C LEU A 68 -4.69 26.59 -3.74
N GLU A 69 -5.47 27.70 -3.77
CA GLU A 69 -4.87 29.01 -3.83
C GLU A 69 -3.87 29.21 -2.68
N ILE A 70 -4.25 28.82 -1.44
CA ILE A 70 -3.41 28.99 -0.28
C ILE A 70 -2.13 28.16 -0.43
N MET A 71 -2.29 26.92 -0.89
CA MET A 71 -1.16 26.00 -0.94
C MET A 71 -0.19 26.43 -2.03
N THR A 72 -0.73 26.87 -3.18
CA THR A 72 0.05 27.45 -4.26
C THR A 72 0.99 28.53 -3.71
N LYS A 73 0.44 29.58 -3.05
CA LYS A 73 1.22 30.71 -2.55
C LYS A 73 2.31 30.20 -1.62
N ARG A 74 1.93 29.30 -0.71
CA ARG A 74 2.79 28.87 0.37
C ARG A 74 3.95 28.03 -0.15
N SER A 75 3.76 27.27 -1.21
CA SER A 75 4.84 26.52 -1.86
C SER A 75 5.74 27.42 -2.72
N ASN A 76 5.43 28.72 -2.80
CA ASN A 76 6.18 29.62 -3.66
C ASN A 76 6.02 29.19 -5.12
N TYR A 77 4.81 28.79 -5.48
CA TYR A 77 4.42 28.56 -6.87
C TYR A 77 5.22 27.40 -7.49
N THR A 78 5.66 26.42 -6.67
CA THR A 78 6.29 25.23 -7.22
C THR A 78 5.22 24.35 -7.91
N PRO A 79 5.34 24.09 -9.22
CA PRO A 79 4.25 23.48 -9.97
C PRO A 79 4.34 21.96 -10.07
N ILE A 80 3.26 21.30 -10.50
CA ILE A 80 3.33 19.85 -10.55
C ILE A 80 4.31 19.40 -11.64
N THR A 81 5.06 18.32 -11.37
CA THR A 81 5.85 17.71 -12.41
C THR A 81 4.98 16.69 -13.17
N ASN A 82 4.83 16.89 -14.50
CA ASN A 82 4.05 16.04 -15.38
C ASN A 82 4.54 14.60 -15.32
N VAL A 83 3.61 13.66 -15.14
CA VAL A 83 3.95 12.25 -15.16
C VAL A 83 3.18 11.60 -16.32
N PRO A 84 3.88 11.12 -17.37
CA PRO A 84 3.22 10.62 -18.58
C PRO A 84 2.56 9.28 -18.27
N PRO A 85 1.48 8.91 -18.99
CA PRO A 85 0.75 7.66 -18.73
C PRO A 85 1.26 6.39 -19.42
N GLU A 86 1.02 5.23 -18.79
CA GLU A 86 1.01 3.92 -19.43
C GLU A 86 -0.35 3.73 -20.13
N VAL A 87 -0.36 3.06 -21.27
CA VAL A 87 -1.58 2.87 -22.02
C VAL A 87 -1.57 1.45 -22.55
N THR A 88 -2.73 0.79 -22.46
CA THR A 88 -2.93 -0.53 -23.02
C THR A 88 -4.29 -0.49 -23.70
N VAL A 89 -4.46 -1.33 -24.72
CA VAL A 89 -5.72 -1.38 -25.44
C VAL A 89 -6.14 -2.83 -25.44
N LEU A 90 -7.32 -3.10 -24.88
CA LEU A 90 -7.80 -4.47 -24.70
C LEU A 90 -9.22 -4.58 -25.22
N THR A 91 -9.66 -5.81 -25.37
CA THR A 91 -11.00 -6.14 -25.79
C THR A 91 -11.82 -6.44 -24.53
N ASN A 92 -13.15 -6.43 -24.67
CA ASN A 92 -14.06 -6.81 -23.61
C ASN A 92 -13.98 -8.30 -23.36
N SER A 93 -13.96 -9.07 -24.45
CA SER A 93 -13.75 -10.51 -24.41
C SER A 93 -13.03 -10.97 -25.69
N PRO A 94 -12.58 -12.26 -25.79
CA PRO A 94 -12.09 -12.80 -27.06
C PRO A 94 -13.04 -12.45 -28.20
N VAL A 95 -12.47 -12.00 -29.32
CA VAL A 95 -13.20 -11.38 -30.43
C VAL A 95 -13.50 -12.44 -31.46
N GLU A 96 -14.78 -12.55 -31.86
CA GLU A 96 -15.12 -13.35 -33.02
C GLU A 96 -15.61 -12.43 -34.13
N LEU A 97 -15.38 -12.83 -35.40
CA LEU A 97 -15.80 -12.04 -36.54
C LEU A 97 -17.32 -11.89 -36.60
N ARG A 98 -17.81 -10.64 -36.59
CA ARG A 98 -19.22 -10.29 -36.75
C ARG A 98 -19.96 -10.30 -35.40
N GLU A 99 -19.23 -10.43 -34.29
CA GLU A 99 -19.86 -10.42 -32.97
C GLU A 99 -19.50 -9.09 -32.32
N PRO A 100 -20.49 -8.21 -32.01
CA PRO A 100 -20.20 -6.92 -31.41
C PRO A 100 -19.41 -7.14 -30.13
N ASN A 101 -18.45 -6.24 -29.89
CA ASN A 101 -17.50 -6.29 -28.78
C ASN A 101 -17.17 -4.82 -28.47
N VAL A 102 -16.16 -4.59 -27.63
CA VAL A 102 -15.90 -3.27 -27.09
C VAL A 102 -14.41 -3.14 -26.91
N LEU A 103 -13.78 -2.20 -27.60
CA LEU A 103 -12.36 -1.95 -27.36
C LEU A 103 -12.26 -1.05 -26.13
N ILE A 104 -11.41 -1.42 -25.18
CA ILE A 104 -11.09 -0.58 -24.03
C ILE A 104 -9.68 0.00 -24.17
N CYS A 105 -9.56 1.27 -23.81
CA CYS A 105 -8.28 1.95 -23.70
C CYS A 105 -8.02 2.35 -22.24
N PHE A 106 -7.04 1.72 -21.60
CA PHE A 106 -6.71 2.02 -20.22
C PHE A 106 -5.58 3.05 -20.16
N ILE A 107 -5.87 4.24 -19.63
CA ILE A 107 -4.83 5.23 -19.38
C ILE A 107 -4.55 5.27 -17.88
N ASP A 108 -3.27 5.21 -17.50
CA ASP A 108 -2.92 4.90 -16.12
C ASP A 108 -1.61 5.57 -15.71
N LYS A 109 -1.46 5.85 -14.41
CA LYS A 109 -0.25 6.32 -13.76
C LYS A 109 0.20 7.69 -14.28
N PHE A 110 -0.73 8.65 -14.40
CA PHE A 110 -0.38 9.96 -14.93
C PHE A 110 -0.89 11.07 -14.02
N THR A 111 -0.28 12.26 -14.19
CA THR A 111 -0.68 13.49 -13.54
C THR A 111 -0.07 14.64 -14.34
N PRO A 112 -0.71 15.84 -14.39
CA PRO A 112 -1.98 16.08 -13.72
C PRO A 112 -3.10 15.52 -14.59
N PRO A 113 -4.39 15.57 -14.18
CA PRO A 113 -5.43 14.95 -14.99
C PRO A 113 -5.93 15.86 -16.12
N VAL A 114 -5.06 16.26 -17.04
CA VAL A 114 -5.51 16.66 -18.36
C VAL A 114 -4.89 15.70 -19.38
N VAL A 115 -5.72 15.22 -20.31
CA VAL A 115 -5.32 14.15 -21.21
C VAL A 115 -6.24 14.15 -22.41
N ASN A 116 -5.65 14.24 -23.61
CA ASN A 116 -6.41 14.22 -24.84
C ASN A 116 -6.35 12.82 -25.44
N VAL A 117 -7.52 12.23 -25.72
CA VAL A 117 -7.58 10.84 -26.10
C VAL A 117 -8.53 10.69 -27.28
N THR A 118 -8.00 10.16 -28.39
CA THR A 118 -8.75 9.87 -29.60
C THR A 118 -8.68 8.39 -29.96
N TRP A 119 -9.76 7.87 -30.53
CA TRP A 119 -9.78 6.55 -31.15
C TRP A 119 -9.64 6.76 -32.66
N LEU A 120 -8.86 5.91 -33.29
CA LEU A 120 -8.61 5.92 -34.73
C LEU A 120 -9.04 4.59 -35.33
N ARG A 121 -9.82 4.65 -36.42
CA ARG A 121 -10.11 3.50 -37.29
C ARG A 121 -9.40 3.76 -38.61
N ASN A 122 -8.38 2.94 -38.93
CA ASN A 122 -7.65 3.06 -40.18
C ASN A 122 -7.18 4.50 -40.37
N GLY A 123 -6.66 5.06 -39.28
CA GLY A 123 -6.08 6.39 -39.24
C GLY A 123 -7.08 7.53 -38.96
N LYS A 124 -8.36 7.28 -39.23
CA LYS A 124 -9.33 8.35 -39.21
C LYS A 124 -9.96 8.42 -37.83
N PRO A 125 -10.08 9.60 -37.17
CA PRO A 125 -10.70 9.70 -35.84
C PRO A 125 -12.16 9.24 -35.85
N VAL A 126 -12.62 8.71 -34.72
CA VAL A 126 -13.91 8.05 -34.62
C VAL A 126 -14.67 8.62 -33.42
N THR A 127 -15.88 9.15 -33.66
CA THR A 127 -16.72 9.75 -32.61
C THR A 127 -17.88 8.84 -32.19
N THR A 128 -18.62 8.29 -33.18
CA THR A 128 -19.86 7.60 -32.87
C THR A 128 -19.60 6.49 -31.85
N GLY A 129 -20.33 6.53 -30.74
CA GLY A 129 -20.36 5.42 -29.80
C GLY A 129 -19.34 5.53 -28.66
N VAL A 130 -18.26 6.28 -28.87
CA VAL A 130 -17.24 6.43 -27.84
C VAL A 130 -17.90 6.92 -26.57
N SER A 131 -17.34 6.51 -25.43
CA SER A 131 -17.62 7.02 -24.11
C SER A 131 -16.44 6.72 -23.18
N GLU A 132 -16.42 7.35 -22.02
CA GLU A 132 -15.23 7.39 -21.20
C GLU A 132 -15.59 7.59 -19.72
N THR A 133 -14.60 7.42 -18.85
CA THR A 133 -14.80 7.64 -17.44
C THR A 133 -14.22 9.01 -17.09
N VAL A 134 -14.52 9.49 -15.87
CA VAL A 134 -13.79 10.60 -15.30
C VAL A 134 -12.51 10.01 -14.73
N PHE A 135 -11.62 10.85 -14.20
CA PHE A 135 -10.32 10.37 -13.76
C PHE A 135 -10.44 9.74 -12.37
N LEU A 136 -9.95 8.51 -12.25
CA LEU A 136 -10.13 7.79 -11.00
C LEU A 136 -8.84 7.88 -10.19
N PRO A 137 -8.93 7.81 -8.85
CA PRO A 137 -7.73 7.93 -8.02
C PRO A 137 -6.87 6.66 -7.92
N ARG A 138 -5.69 6.83 -7.31
CA ARG A 138 -4.68 5.82 -7.14
C ARG A 138 -3.96 6.08 -5.81
N GLU A 139 -3.54 5.01 -5.12
CA GLU A 139 -2.77 5.08 -3.87
C GLU A 139 -1.57 6.04 -4.00
N ASP A 140 -0.95 6.09 -5.20
CA ASP A 140 0.28 6.87 -5.40
C ASP A 140 -0.02 8.34 -5.74
N HIS A 141 -1.29 8.66 -5.97
CA HIS A 141 -1.85 10.00 -6.14
C HIS A 141 -1.81 10.43 -7.60
N LEU A 142 -1.45 9.48 -8.47
CA LEU A 142 -1.64 9.61 -9.90
C LEU A 142 -3.06 9.19 -10.27
N PHE A 143 -3.41 9.28 -11.56
CA PHE A 143 -4.77 9.08 -12.04
C PHE A 143 -4.85 7.91 -13.03
N ARG A 144 -6.08 7.41 -13.27
CA ARG A 144 -6.40 6.36 -14.22
C ARG A 144 -7.60 6.83 -15.00
N LYS A 145 -7.67 6.48 -16.29
CA LYS A 145 -8.86 6.78 -17.08
C LYS A 145 -9.17 5.61 -18.00
N PHE A 146 -10.45 5.44 -18.37
CA PHE A 146 -10.79 4.45 -19.38
C PHE A 146 -11.54 5.14 -20.52
N HIS A 147 -11.20 4.79 -21.77
CA HIS A 147 -12.06 5.08 -22.91
C HIS A 147 -12.60 3.79 -23.52
N TYR A 148 -13.77 3.89 -24.15
CA TYR A 148 -14.48 2.73 -24.69
C TYR A 148 -14.99 3.00 -26.10
N LEU A 149 -14.95 1.95 -26.92
CA LEU A 149 -15.49 2.08 -28.26
C LEU A 149 -16.08 0.74 -28.67
N PRO A 150 -17.43 0.62 -28.69
CA PRO A 150 -18.07 -0.57 -29.24
C PRO A 150 -17.88 -0.57 -30.75
N PHE A 151 -17.69 -1.78 -31.32
CA PHE A 151 -17.28 -1.96 -32.70
C PHE A 151 -17.77 -3.31 -33.21
N LEU A 152 -17.97 -3.41 -34.52
CA LEU A 152 -18.21 -4.72 -35.12
C LEU A 152 -16.95 -5.23 -35.82
N PRO A 153 -16.30 -6.29 -35.27
CA PRO A 153 -14.95 -6.69 -35.67
C PRO A 153 -14.84 -7.37 -37.04
N SER A 154 -13.71 -7.13 -37.73
CA SER A 154 -13.52 -7.58 -39.09
C SER A 154 -12.05 -7.67 -39.50
N THR A 155 -11.78 -8.45 -40.54
CA THR A 155 -10.44 -8.71 -41.04
C THR A 155 -9.74 -7.39 -41.41
N GLU A 156 -10.46 -6.50 -42.12
CA GLU A 156 -9.86 -5.40 -42.86
C GLU A 156 -10.04 -4.05 -42.15
N ASP A 157 -10.02 -4.08 -40.80
CA ASP A 157 -10.22 -2.91 -39.96
C ASP A 157 -9.20 -2.92 -38.82
N VAL A 158 -8.40 -1.84 -38.68
CA VAL A 158 -7.45 -1.73 -37.58
C VAL A 158 -7.74 -0.48 -36.72
N TYR A 159 -7.44 -0.57 -35.43
CA TYR A 159 -7.71 0.54 -34.54
C TYR A 159 -6.47 0.93 -33.74
N ASP A 160 -6.52 2.15 -33.17
CA ASP A 160 -5.50 2.68 -32.25
C ASP A 160 -6.16 3.58 -31.20
N CYS A 161 -5.64 3.54 -29.97
CA CYS A 161 -5.94 4.58 -29.02
C CYS A 161 -4.85 5.65 -29.16
N ARG A 162 -5.22 6.91 -29.37
CA ARG A 162 -4.16 7.91 -29.42
C ARG A 162 -4.27 8.92 -28.28
N VAL A 163 -3.22 8.99 -27.45
CA VAL A 163 -3.24 9.69 -26.18
C VAL A 163 -2.19 10.79 -26.24
N GLU A 164 -2.54 12.03 -25.90
CA GLU A 164 -1.51 13.04 -25.75
C GLU A 164 -1.57 13.59 -24.33
N HIS A 165 -0.40 13.83 -23.75
CA HIS A 165 -0.29 14.31 -22.39
C HIS A 165 0.97 15.15 -22.26
N TRP A 166 0.96 16.17 -21.41
CA TRP A 166 2.07 17.11 -21.28
C TRP A 166 3.40 16.45 -20.92
N GLY A 167 3.38 15.24 -20.38
CA GLY A 167 4.61 14.60 -19.93
C GLY A 167 5.19 13.69 -21.01
N LEU A 168 4.57 13.73 -22.20
CA LEU A 168 4.95 12.90 -23.35
C LEU A 168 5.46 13.84 -24.44
N ASP A 169 6.65 13.57 -25.00
CA ASP A 169 7.11 14.44 -26.07
C ASP A 169 6.38 14.17 -27.38
N GLU A 170 5.83 12.96 -27.58
CA GLU A 170 5.11 12.67 -28.80
C GLU A 170 3.78 12.01 -28.43
N PRO A 171 2.74 12.14 -29.27
CA PRO A 171 1.53 11.33 -29.11
C PRO A 171 1.88 9.84 -29.03
N LEU A 172 1.19 9.12 -28.15
CA LEU A 172 1.45 7.72 -27.89
C LEU A 172 0.30 6.92 -28.50
N LEU A 173 0.60 5.97 -29.39
CA LEU A 173 -0.40 5.13 -30.04
C LEU A 173 -0.29 3.70 -29.54
N LYS A 174 -1.43 3.07 -29.30
CA LYS A 174 -1.51 1.66 -29.04
C LYS A 174 -2.49 1.01 -30.02
N HIS A 175 -1.98 0.05 -30.80
CA HIS A 175 -2.66 -0.62 -31.90
C HIS A 175 -3.44 -1.82 -31.37
N TRP A 176 -4.54 -2.16 -32.06
CA TRP A 176 -5.18 -3.47 -31.96
C TRP A 176 -5.66 -3.93 -33.34
N GLU A 177 -5.59 -5.24 -33.63
CA GLU A 177 -6.19 -5.76 -34.86
C GLU A 177 -6.57 -7.23 -34.66
N PHE A 178 -7.55 -7.69 -35.45
CA PHE A 178 -8.03 -9.07 -35.34
C PHE A 178 -6.92 -10.03 -35.74
N ASP A 179 -6.57 -10.94 -34.83
CA ASP A 179 -5.54 -11.95 -35.02
C ASP A 179 -6.20 -13.33 -34.98
N ALA A 180 -5.99 -14.09 -36.05
CA ALA A 180 -6.38 -15.49 -36.09
C ALA A 180 -5.47 -16.28 -37.07
N MET B 1 -1.56 19.32 -26.08
CA MET B 1 -2.11 20.71 -25.99
C MET B 1 -0.97 21.71 -26.14
N GLY B 2 -1.16 22.68 -27.05
CA GLY B 2 -0.30 23.85 -27.17
C GLY B 2 -0.56 24.86 -26.04
N ASP B 3 0.04 24.56 -24.87
CA ASP B 3 -0.25 25.18 -23.58
C ASP B 3 0.73 24.62 -22.56
N THR B 4 1.60 25.49 -22.02
CA THR B 4 2.68 25.04 -21.17
C THR B 4 2.81 25.96 -19.96
N ARG B 5 1.73 26.70 -19.66
CA ARG B 5 1.61 27.34 -18.37
C ARG B 5 1.67 26.26 -17.28
N PRO B 6 2.41 26.47 -16.17
CA PRO B 6 2.49 25.47 -15.08
C PRO B 6 1.12 25.15 -14.46
N ARG B 7 1.03 23.95 -13.86
CA ARG B 7 -0.20 23.47 -13.25
C ARG B 7 0.01 23.30 -11.74
N PHE B 8 -1.10 23.34 -11.00
CA PHE B 8 -1.14 23.27 -9.55
C PHE B 8 -2.37 22.46 -9.20
N LEU B 9 -2.14 21.40 -8.41
CA LEU B 9 -3.18 20.44 -8.15
C LEU B 9 -3.39 20.26 -6.66
N TRP B 10 -4.65 20.28 -6.24
CA TRP B 10 -4.95 19.96 -4.86
C TRP B 10 -5.95 18.80 -4.87
N GLN B 11 -5.70 17.78 -4.03
CA GLN B 11 -6.65 16.68 -3.91
C GLN B 11 -6.93 16.41 -2.45
N LEU B 12 -8.17 15.93 -2.20
CA LEU B 12 -8.63 15.54 -0.87
C LEU B 12 -9.28 14.16 -0.97
N LYS B 13 -8.81 13.21 -0.15
CA LYS B 13 -9.29 11.85 -0.21
C LYS B 13 -9.69 11.39 1.19
N PHE B 14 -10.95 10.97 1.35
CA PHE B 14 -11.39 10.33 2.57
C PHE B 14 -11.55 8.85 2.29
N GLU B 15 -10.71 8.01 2.90
CA GLU B 15 -10.81 6.58 2.69
C GLU B 15 -11.30 5.88 3.94
N CYS B 16 -12.36 5.07 3.78
CA CYS B 16 -12.82 4.18 4.83
C CYS B 16 -12.38 2.77 4.51
N HIS B 17 -11.68 2.14 5.46
CA HIS B 17 -11.27 0.75 5.36
C HIS B 17 -12.20 -0.07 6.22
N PHE B 18 -12.76 -1.16 5.63
CA PHE B 18 -13.53 -2.09 6.44
C PHE B 18 -12.83 -3.44 6.52
N PHE B 19 -12.89 -4.05 7.69
CA PHE B 19 -12.36 -5.38 7.94
C PHE B 19 -13.44 -6.19 8.64
N ASN B 20 -13.71 -7.39 8.09
CA ASN B 20 -14.62 -8.36 8.70
C ASN B 20 -16.02 -7.72 8.85
N GLY B 21 -16.59 -7.29 7.72
CA GLY B 21 -17.80 -6.47 7.69
C GLY B 21 -17.58 -5.08 8.30
N THR B 22 -18.46 -4.72 9.24
CA THR B 22 -18.46 -3.42 9.91
C THR B 22 -17.73 -3.51 11.24
N GLU B 23 -17.19 -4.69 11.57
CA GLU B 23 -16.71 -4.94 12.92
C GLU B 23 -15.47 -4.10 13.23
N ARG B 24 -14.60 -3.87 12.24
CA ARG B 24 -13.48 -2.95 12.39
C ARG B 24 -13.44 -1.98 11.20
N VAL B 25 -13.33 -0.68 11.50
CA VAL B 25 -13.42 0.37 10.48
C VAL B 25 -12.35 1.43 10.77
N ARG B 26 -11.51 1.76 9.78
CA ARG B 26 -10.50 2.79 9.92
C ARG B 26 -10.66 3.83 8.82
N LEU B 27 -10.84 5.09 9.18
CA LEU B 27 -11.02 6.19 8.25
C LEU B 27 -9.69 6.94 8.10
N LEU B 28 -9.44 7.48 6.90
CA LEU B 28 -8.28 8.31 6.64
C LEU B 28 -8.69 9.51 5.82
N GLU B 29 -8.34 10.72 6.29
CA GLU B 29 -8.49 11.93 5.52
C GLU B 29 -7.08 12.31 5.11
N ARG B 30 -6.82 12.41 3.81
CA ARG B 30 -5.54 12.89 3.33
C ARG B 30 -5.75 14.12 2.47
N CYS B 31 -4.78 15.03 2.50
CA CYS B 31 -4.78 16.00 1.42
C CYS B 31 -3.39 16.09 0.80
N ILE B 32 -3.39 16.49 -0.47
CA ILE B 32 -2.25 16.24 -1.34
C ILE B 32 -2.11 17.45 -2.23
N TYR B 33 -0.98 18.13 -2.09
CA TYR B 33 -0.71 19.20 -3.03
C TYR B 33 0.29 18.69 -4.04
N ASN B 34 -0.11 18.57 -5.31
CA ASN B 34 0.81 18.30 -6.39
C ASN B 34 1.60 17.01 -6.17
N GLN B 35 0.90 15.92 -5.88
CA GLN B 35 1.61 14.65 -5.72
C GLN B 35 2.32 14.45 -4.38
N GLU B 36 2.38 15.46 -3.49
CA GLU B 36 2.88 15.22 -2.15
C GLU B 36 1.75 15.40 -1.15
N GLU B 37 1.55 14.36 -0.35
CA GLU B 37 0.58 14.35 0.75
C GLU B 37 1.12 15.23 1.86
N SER B 38 0.36 16.25 2.28
CA SER B 38 0.93 17.18 3.27
C SER B 38 0.43 16.88 4.69
N VAL B 39 -0.84 16.49 4.84
CA VAL B 39 -1.43 16.31 6.16
C VAL B 39 -2.54 15.26 6.11
N ARG B 40 -2.73 14.54 7.25
CA ARG B 40 -3.50 13.32 7.32
C ARG B 40 -4.25 13.22 8.66
N PHE B 41 -5.55 12.89 8.62
CA PHE B 41 -6.27 12.40 9.78
C PHE B 41 -6.45 10.89 9.71
N ASP B 42 -6.00 10.20 10.76
CA ASP B 42 -6.12 8.76 10.93
C ASP B 42 -6.99 8.44 12.13
N SER B 43 -8.09 7.69 11.95
CA SER B 43 -9.01 7.36 13.02
C SER B 43 -8.35 6.54 14.12
N ASP B 44 -7.24 5.86 13.80
CA ASP B 44 -6.46 5.14 14.78
C ASP B 44 -5.72 6.08 15.73
N VAL B 45 -5.66 7.37 15.38
CA VAL B 45 -4.94 8.33 16.19
C VAL B 45 -5.92 9.34 16.80
N GLY B 46 -6.85 9.82 15.98
CA GLY B 46 -7.85 10.76 16.43
C GLY B 46 -7.40 12.22 16.39
N GLU B 47 -6.23 12.46 15.79
CA GLU B 47 -5.69 13.79 15.62
C GLU B 47 -5.22 13.94 14.18
N TYR B 48 -5.03 15.18 13.70
CA TYR B 48 -4.34 15.41 12.45
C TYR B 48 -2.83 15.34 12.69
N ARG B 49 -2.09 15.01 11.61
CA ARG B 49 -0.66 14.89 11.63
C ARG B 49 -0.13 15.45 10.33
N ALA B 50 0.91 16.28 10.43
CA ALA B 50 1.63 16.73 9.26
C ALA B 50 2.40 15.54 8.70
N VAL B 51 2.46 15.41 7.39
CA VAL B 51 3.22 14.36 6.72
C VAL B 51 4.53 14.95 6.18
N THR B 52 4.50 16.23 5.80
CA THR B 52 5.68 17.00 5.40
C THR B 52 5.71 18.26 6.27
N GLU B 53 6.84 19.00 6.26
CA GLU B 53 6.95 20.30 6.92
C GLU B 53 5.87 21.28 6.43
N LEU B 54 5.60 21.31 5.12
CA LEU B 54 4.61 22.20 4.55
C LEU B 54 3.23 22.11 5.22
N GLY B 55 2.96 21.06 6.01
CA GLY B 55 1.61 20.88 6.48
C GLY B 55 1.51 20.84 8.01
N ARG B 56 2.57 21.31 8.69
CA ARG B 56 2.61 21.33 10.15
C ARG B 56 1.69 22.43 10.66
N PRO B 57 1.75 23.64 10.06
CA PRO B 57 0.71 24.68 10.22
C PRO B 57 -0.76 24.26 10.18
N ASP B 58 -1.12 23.41 9.23
CA ASP B 58 -2.51 23.10 9.00
C ASP B 58 -2.96 22.00 9.95
N ALA B 59 -2.00 21.18 10.39
CA ALA B 59 -2.24 20.21 11.45
C ALA B 59 -2.55 20.96 12.75
N GLU B 60 -1.66 21.87 13.19
CA GLU B 60 -1.85 22.66 14.38
C GLU B 60 -3.20 23.38 14.37
N TYR B 61 -3.56 23.95 13.23
CA TYR B 61 -4.78 24.70 13.11
C TYR B 61 -5.99 23.79 13.32
N TRP B 62 -6.07 22.72 12.52
CA TRP B 62 -7.21 21.82 12.61
C TRP B 62 -7.25 21.16 13.99
N ASN B 63 -6.07 20.90 14.57
CA ASN B 63 -5.98 20.19 15.83
C ASN B 63 -6.47 21.03 17.01
N SER B 64 -6.76 22.30 16.73
CA SER B 64 -7.14 23.25 17.78
C SER B 64 -8.66 23.47 17.77
N GLN B 65 -9.34 22.95 16.74
CA GLN B 65 -10.78 23.02 16.64
C GLN B 65 -11.36 21.71 17.17
N LYS B 66 -11.94 21.79 18.38
CA LYS B 66 -12.36 20.59 19.07
C LYS B 66 -13.70 20.10 18.52
N ASP B 67 -14.50 21.02 17.96
CA ASP B 67 -15.72 20.59 17.32
C ASP B 67 -15.38 19.74 16.09
N LEU B 68 -14.24 20.05 15.46
CA LEU B 68 -13.85 19.33 14.26
C LEU B 68 -13.26 17.98 14.65
N LEU B 69 -12.40 17.96 15.66
CA LEU B 69 -11.83 16.67 16.00
C LEU B 69 -12.94 15.72 16.40
N GLU B 70 -13.93 16.23 17.17
CA GLU B 70 -15.02 15.40 17.67
C GLU B 70 -15.86 14.80 16.54
N GLN B 71 -16.15 15.62 15.52
CA GLN B 71 -16.89 15.16 14.35
C GLN B 71 -16.12 14.01 13.66
N ARG B 72 -14.80 14.19 13.51
CA ARG B 72 -13.97 13.32 12.70
C ARG B 72 -13.74 12.00 13.44
N ARG B 73 -13.70 12.07 14.76
CA ARG B 73 -13.56 10.83 15.49
C ARG B 73 -14.85 10.05 15.42
N ALA B 74 -15.96 10.75 15.20
CA ALA B 74 -17.24 10.05 15.18
C ALA B 74 -17.57 9.54 13.77
N ALA B 75 -16.78 9.96 12.77
CA ALA B 75 -17.12 9.76 11.37
C ALA B 75 -17.06 8.28 11.02
N VAL B 76 -16.19 7.55 11.72
CA VAL B 76 -16.09 6.11 11.60
C VAL B 76 -17.48 5.50 11.74
N ASP B 77 -18.37 6.21 12.47
CA ASP B 77 -19.71 5.72 12.75
C ASP B 77 -20.71 6.43 11.84
N THR B 78 -20.68 7.76 11.82
CA THR B 78 -21.68 8.54 11.12
C THR B 78 -21.40 8.60 9.61
N TYR B 79 -20.22 8.18 9.17
CA TYR B 79 -19.91 8.35 7.77
C TYR B 79 -19.59 7.00 7.11
N CYS B 80 -18.41 6.43 7.40
CA CYS B 80 -18.02 5.07 7.06
C CYS B 80 -19.15 4.05 7.25
N ARG B 81 -19.50 3.72 8.50
CA ARG B 81 -20.50 2.69 8.75
C ARG B 81 -21.82 3.10 8.10
N HIS B 82 -22.05 4.41 7.97
CA HIS B 82 -23.26 4.88 7.31
C HIS B 82 -23.22 4.44 5.86
N ASN B 83 -22.18 4.82 5.10
CA ASN B 83 -22.12 4.57 3.67
C ASN B 83 -22.02 3.09 3.37
N TYR B 84 -21.39 2.33 4.27
CA TYR B 84 -21.32 0.89 4.13
C TYR B 84 -22.74 0.31 4.12
N GLY B 85 -23.55 0.71 5.10
CA GLY B 85 -24.93 0.24 5.18
C GLY B 85 -25.71 0.62 3.93
N VAL B 86 -25.48 1.84 3.43
CA VAL B 86 -26.23 2.31 2.27
C VAL B 86 -25.80 1.51 1.04
N GLY B 87 -24.50 1.22 0.91
CA GLY B 87 -23.97 0.64 -0.31
C GLY B 87 -24.05 -0.88 -0.37
N GLU B 88 -24.12 -1.53 0.79
CA GLU B 88 -23.91 -2.97 0.93
C GLU B 88 -24.67 -3.79 -0.10
N SER B 89 -25.99 -3.57 -0.21
CA SER B 89 -26.82 -4.45 -1.02
C SER B 89 -26.31 -4.58 -2.45
N PHE B 90 -25.58 -3.59 -2.98
CA PHE B 90 -25.24 -3.54 -4.40
C PHE B 90 -23.75 -3.39 -4.68
N THR B 91 -22.89 -3.50 -3.66
CA THR B 91 -21.46 -3.42 -3.89
C THR B 91 -20.78 -4.63 -3.25
N VAL B 92 -20.96 -4.73 -1.92
CA VAL B 92 -20.49 -5.86 -1.13
C VAL B 92 -21.13 -7.16 -1.64
N GLN B 93 -22.39 -7.06 -2.03
CA GLN B 93 -23.22 -8.23 -2.33
C GLN B 93 -23.28 -8.49 -3.82
N ARG B 94 -22.79 -7.55 -4.64
CA ARG B 94 -22.82 -7.69 -6.09
C ARG B 94 -22.05 -8.94 -6.50
N ARG B 95 -22.61 -9.67 -7.47
CA ARG B 95 -22.01 -10.90 -7.99
C ARG B 95 -22.41 -11.12 -9.45
N VAL B 96 -21.39 -11.24 -10.32
CA VAL B 96 -21.56 -11.58 -11.73
C VAL B 96 -20.62 -12.74 -12.09
N GLU B 97 -21.24 -13.79 -12.63
CA GLU B 97 -20.62 -15.04 -13.04
C GLU B 97 -19.78 -14.82 -14.29
N PRO B 98 -18.56 -15.40 -14.37
CA PRO B 98 -17.75 -15.31 -15.60
C PRO B 98 -18.21 -16.17 -16.77
N LYS B 99 -18.09 -15.63 -18.00
CA LYS B 99 -18.04 -16.38 -19.25
C LYS B 99 -16.64 -16.99 -19.40
N VAL B 100 -16.59 -18.30 -19.68
CA VAL B 100 -15.29 -18.93 -19.84
C VAL B 100 -15.19 -19.55 -21.25
N THR B 101 -14.10 -19.26 -21.95
CA THR B 101 -13.81 -19.81 -23.27
C THR B 101 -12.42 -20.38 -23.24
N VAL B 102 -12.17 -21.44 -24.04
CA VAL B 102 -10.81 -21.84 -24.34
C VAL B 102 -10.61 -21.72 -25.85
N TYR B 103 -9.39 -21.30 -26.26
CA TYR B 103 -9.04 -21.24 -27.67
C TYR B 103 -7.53 -21.33 -27.79
N PRO B 104 -7.02 -21.98 -28.87
CA PRO B 104 -5.58 -22.23 -29.02
C PRO B 104 -4.94 -21.04 -29.70
N SER B 105 -3.64 -20.85 -29.47
CA SER B 105 -2.95 -19.71 -30.01
C SER B 105 -1.47 -20.04 -30.19
N LYS B 106 -0.66 -19.03 -30.52
CA LYS B 106 0.73 -19.23 -30.94
C LYS B 106 1.64 -18.24 -30.21
N THR B 107 2.71 -18.72 -29.58
CA THR B 107 3.69 -17.81 -29.01
C THR B 107 4.45 -17.05 -30.09
N GLN B 108 4.72 -17.69 -31.24
CA GLN B 108 5.29 -17.02 -32.41
C GLN B 108 4.33 -17.11 -33.60
N PRO B 109 4.34 -16.11 -34.52
CA PRO B 109 3.17 -15.77 -35.36
C PRO B 109 2.71 -16.78 -36.41
N LEU B 110 3.67 -17.58 -36.92
CA LEU B 110 3.40 -18.50 -38.01
C LEU B 110 3.91 -19.90 -37.67
N GLN B 111 4.07 -20.19 -36.38
CA GLN B 111 4.45 -21.50 -35.86
C GLN B 111 3.20 -22.33 -35.59
N HIS B 112 3.37 -23.38 -34.77
CA HIS B 112 2.29 -24.30 -34.45
C HIS B 112 1.54 -23.78 -33.22
N HIS B 113 0.24 -24.07 -33.14
CA HIS B 113 -0.48 -23.80 -31.90
C HIS B 113 0.30 -24.42 -30.74
N ASN B 114 0.76 -23.58 -29.82
CA ASN B 114 1.56 -24.10 -28.71
C ASN B 114 1.14 -23.41 -27.42
N LEU B 115 -0.11 -22.98 -27.34
CA LEU B 115 -0.55 -22.03 -26.31
C LEU B 115 -2.07 -22.06 -26.20
N LEU B 116 -2.60 -22.60 -25.09
CA LEU B 116 -4.04 -22.59 -24.87
C LEU B 116 -4.44 -21.37 -24.05
N VAL B 117 -5.38 -20.57 -24.57
CA VAL B 117 -5.82 -19.42 -23.79
C VAL B 117 -7.09 -19.78 -23.04
N CYS B 118 -7.10 -19.47 -21.74
CA CYS B 118 -8.33 -19.56 -20.98
C CYS B 118 -8.85 -18.18 -20.65
N SER B 119 -9.91 -17.78 -21.34
CA SER B 119 -10.43 -16.43 -21.21
C SER B 119 -11.57 -16.46 -20.20
N VAL B 120 -11.51 -15.56 -19.22
CA VAL B 120 -12.49 -15.49 -18.13
C VAL B 120 -12.90 -14.03 -17.98
N SER B 121 -14.15 -13.73 -18.36
CA SER B 121 -14.51 -12.32 -18.43
C SER B 121 -15.93 -12.04 -17.96
N GLY B 122 -16.14 -10.76 -17.62
CA GLY B 122 -17.39 -10.19 -17.16
C GLY B 122 -17.72 -10.59 -15.72
N PHE B 123 -16.71 -10.84 -14.89
CA PHE B 123 -16.98 -11.35 -13.56
C PHE B 123 -16.84 -10.24 -12.53
N TYR B 124 -17.48 -10.45 -11.37
CA TYR B 124 -17.34 -9.55 -10.23
C TYR B 124 -17.78 -10.28 -8.99
N PRO B 125 -17.04 -10.18 -7.85
CA PRO B 125 -15.88 -9.29 -7.73
C PRO B 125 -14.63 -9.93 -8.32
N GLY B 126 -13.46 -9.40 -7.93
CA GLY B 126 -12.19 -9.65 -8.60
C GLY B 126 -11.41 -10.88 -8.10
N SER B 127 -11.84 -11.55 -7.04
CA SER B 127 -11.03 -12.67 -6.60
C SER B 127 -11.42 -13.96 -7.33
N ILE B 128 -10.44 -14.53 -8.04
CA ILE B 128 -10.66 -15.64 -8.95
C ILE B 128 -9.59 -16.68 -8.59
N GLU B 129 -9.79 -17.94 -9.01
CA GLU B 129 -8.75 -18.96 -8.99
C GLU B 129 -8.87 -19.70 -10.32
N VAL B 130 -7.81 -19.70 -11.12
CA VAL B 130 -7.92 -20.35 -12.41
C VAL B 130 -6.82 -21.39 -12.54
N ARG B 131 -7.18 -22.61 -12.95
CA ARG B 131 -6.25 -23.71 -12.91
C ARG B 131 -6.37 -24.55 -14.18
N TRP B 132 -5.22 -25.03 -14.68
CA TRP B 132 -5.17 -25.90 -15.85
C TRP B 132 -4.87 -27.35 -15.48
N PHE B 133 -5.41 -28.24 -16.31
CA PHE B 133 -5.32 -29.69 -16.16
C PHE B 133 -5.03 -30.31 -17.52
N ARG B 134 -4.14 -31.30 -17.52
CA ARG B 134 -3.99 -32.22 -18.63
C ARG B 134 -4.44 -33.57 -18.08
N ASN B 135 -5.52 -34.11 -18.67
CA ASN B 135 -6.03 -35.44 -18.37
C ASN B 135 -6.34 -35.60 -16.88
N GLY B 136 -6.91 -34.54 -16.29
CA GLY B 136 -7.38 -34.56 -14.91
C GLY B 136 -6.26 -34.34 -13.89
N GLN B 137 -5.07 -33.97 -14.39
CA GLN B 137 -3.90 -33.72 -13.54
C GLN B 137 -3.51 -32.26 -13.73
N GLU B 138 -3.45 -31.52 -12.62
CA GLU B 138 -3.25 -30.08 -12.69
C GLU B 138 -1.84 -29.81 -13.21
N GLU B 139 -1.74 -28.88 -14.16
CA GLU B 139 -0.45 -28.45 -14.66
C GLU B 139 -0.11 -27.11 -14.04
N LYS B 140 0.99 -27.12 -13.27
CA LYS B 140 1.47 -25.96 -12.55
C LYS B 140 2.52 -25.22 -13.38
N ALA B 141 3.29 -25.92 -14.21
CA ALA B 141 4.34 -25.29 -14.99
C ALA B 141 3.84 -24.85 -16.37
N GLY B 142 4.39 -23.74 -16.87
CA GLY B 142 4.15 -23.23 -18.21
C GLY B 142 2.92 -22.33 -18.28
N VAL B 143 2.55 -21.75 -17.13
CA VAL B 143 1.35 -20.94 -17.05
C VAL B 143 1.80 -19.50 -16.83
N VAL B 144 1.30 -18.61 -17.72
CA VAL B 144 1.45 -17.18 -17.63
C VAL B 144 0.04 -16.62 -17.60
N SER B 145 -0.11 -15.38 -17.15
CA SER B 145 -1.38 -14.70 -17.08
C SER B 145 -1.22 -13.21 -17.34
N THR B 146 -2.33 -12.59 -17.76
CA THR B 146 -2.38 -11.15 -17.93
C THR B 146 -2.48 -10.45 -16.57
N GLY B 147 -2.67 -11.24 -15.50
CA GLY B 147 -3.05 -10.74 -14.19
C GLY B 147 -4.55 -10.50 -14.16
N LEU B 148 -5.07 -10.00 -13.04
CA LEU B 148 -6.49 -9.65 -12.99
C LEU B 148 -6.70 -8.23 -13.54
N ILE B 149 -7.63 -8.07 -14.48
CA ILE B 149 -7.77 -6.79 -15.18
C ILE B 149 -9.17 -6.26 -14.92
N GLN B 150 -9.22 -4.97 -14.59
CA GLN B 150 -10.43 -4.25 -14.23
C GLN B 150 -10.85 -3.40 -15.43
N ASN B 151 -12.04 -3.69 -15.98
CA ASN B 151 -12.57 -3.06 -17.17
C ASN B 151 -13.03 -1.62 -16.87
N GLY B 152 -13.41 -1.34 -15.60
CA GLY B 152 -13.80 0.00 -15.20
C GLY B 152 -15.30 0.19 -15.27
N ASP B 153 -16.03 -0.92 -15.50
CA ASP B 153 -17.48 -0.93 -15.57
C ASP B 153 -18.00 -1.99 -14.60
N TRP B 154 -17.25 -2.22 -13.51
CA TRP B 154 -17.62 -3.13 -12.44
C TRP B 154 -17.58 -4.58 -12.90
N THR B 155 -16.75 -4.87 -13.90
CA THR B 155 -16.46 -6.23 -14.30
C THR B 155 -14.95 -6.38 -14.39
N PHE B 156 -14.49 -7.63 -14.27
CA PHE B 156 -13.08 -7.97 -14.34
C PHE B 156 -12.89 -8.99 -15.47
N GLN B 157 -11.63 -9.13 -15.92
CA GLN B 157 -11.27 -10.18 -16.88
C GLN B 157 -9.83 -10.62 -16.67
N THR B 158 -9.52 -11.80 -17.21
CA THR B 158 -8.19 -12.38 -17.09
C THR B 158 -7.98 -13.34 -18.27
N LEU B 159 -6.75 -13.40 -18.76
CA LEU B 159 -6.37 -14.47 -19.68
C LEU B 159 -5.35 -15.34 -18.96
N VAL B 160 -5.56 -16.66 -18.93
CA VAL B 160 -4.57 -17.55 -18.33
C VAL B 160 -4.14 -18.58 -19.37
N MET B 161 -2.82 -18.58 -19.65
CA MET B 161 -2.29 -19.30 -20.79
C MET B 161 -1.39 -20.42 -20.33
N LEU B 162 -1.52 -21.57 -21.02
CA LEU B 162 -0.68 -22.74 -20.82
C LEU B 162 0.16 -22.99 -22.07
N GLU B 163 1.48 -22.84 -21.95
CA GLU B 163 2.40 -23.14 -23.04
C GLU B 163 2.59 -24.65 -23.08
N THR B 164 2.14 -25.29 -24.18
CA THR B 164 2.10 -26.74 -24.26
C THR B 164 2.36 -27.22 -25.70
N VAL B 165 2.90 -28.44 -25.84
CA VAL B 165 2.81 -29.12 -27.12
C VAL B 165 1.56 -29.98 -27.08
N PRO B 166 0.51 -29.62 -27.84
CA PRO B 166 -0.73 -30.41 -27.89
C PRO B 166 -0.53 -31.74 -28.60
N ARG B 167 -0.53 -32.84 -27.85
CA ARG B 167 -0.39 -34.18 -28.44
C ARG B 167 -1.78 -34.79 -28.64
N SER B 168 -2.12 -35.24 -29.84
CA SER B 168 -3.50 -35.64 -30.12
C SER B 168 -3.97 -36.77 -29.17
N GLY B 169 -5.26 -36.69 -28.76
CA GLY B 169 -5.85 -37.54 -27.73
C GLY B 169 -5.86 -36.93 -26.32
N GLU B 170 -5.21 -35.78 -26.12
CA GLU B 170 -5.12 -35.18 -24.79
C GLU B 170 -6.32 -34.27 -24.57
N VAL B 171 -6.87 -34.34 -23.34
CA VAL B 171 -7.94 -33.46 -22.90
C VAL B 171 -7.41 -32.44 -21.89
N TYR B 172 -7.58 -31.17 -22.24
CA TYR B 172 -7.20 -30.07 -21.37
C TYR B 172 -8.45 -29.45 -20.71
N THR B 173 -8.37 -29.17 -19.41
CA THR B 173 -9.49 -28.51 -18.75
C THR B 173 -9.01 -27.26 -18.03
N CYS B 174 -9.62 -26.14 -18.40
CA CYS B 174 -9.48 -24.90 -17.66
C CYS B 174 -10.55 -24.85 -16.57
N GLN B 175 -10.12 -24.71 -15.31
CA GLN B 175 -11.04 -24.75 -14.18
C GLN B 175 -11.00 -23.44 -13.35
N VAL B 176 -12.19 -22.84 -13.20
CA VAL B 176 -12.34 -21.52 -12.60
C VAL B 176 -13.19 -21.62 -11.34
N GLU B 177 -12.75 -20.96 -10.26
CA GLU B 177 -13.49 -20.85 -9.01
C GLU B 177 -13.73 -19.38 -8.70
N HIS B 178 -14.97 -19.08 -8.29
CA HIS B 178 -15.39 -17.69 -8.12
C HIS B 178 -16.59 -17.62 -7.18
N PRO B 179 -16.62 -16.62 -6.26
CA PRO B 179 -17.75 -16.45 -5.33
C PRO B 179 -19.17 -16.51 -5.89
N SER B 180 -19.32 -16.35 -7.21
CA SER B 180 -20.63 -16.25 -7.82
C SER B 180 -21.19 -17.64 -8.11
N VAL B 181 -20.35 -18.68 -7.95
CA VAL B 181 -20.72 -20.06 -8.22
C VAL B 181 -20.27 -20.93 -7.03
N THR B 182 -21.05 -21.97 -6.74
CA THR B 182 -20.80 -22.77 -5.54
C THR B 182 -19.93 -23.97 -5.87
N SER B 183 -19.75 -24.29 -7.16
CA SER B 183 -18.86 -25.35 -7.58
C SER B 183 -18.15 -24.95 -8.87
N PRO B 184 -16.93 -25.52 -9.11
CA PRO B 184 -16.04 -25.01 -10.16
C PRO B 184 -16.62 -25.01 -11.57
N LEU B 185 -16.47 -23.88 -12.27
CA LEU B 185 -16.70 -23.78 -13.71
C LEU B 185 -15.56 -24.47 -14.46
N THR B 186 -15.91 -25.26 -15.48
CA THR B 186 -14.90 -26.01 -16.20
C THR B 186 -15.20 -25.94 -17.69
N VAL B 187 -14.18 -25.65 -18.51
CA VAL B 187 -14.36 -25.94 -19.93
C VAL B 187 -13.17 -26.73 -20.48
N GLU B 188 -13.53 -27.71 -21.32
CA GLU B 188 -12.64 -28.74 -21.84
C GLU B 188 -12.24 -28.37 -23.27
N TRP B 189 -11.02 -28.73 -23.67
CA TRP B 189 -10.59 -28.60 -25.06
C TRP B 189 -9.79 -29.83 -25.46
N ARG B 190 -10.30 -30.54 -26.50
CA ARG B 190 -9.71 -31.78 -26.97
C ARG B 190 -8.63 -31.46 -28.01
N ALA B 191 -7.41 -31.89 -27.74
CA ALA B 191 -6.39 -31.89 -28.78
C ALA B 191 -6.66 -33.04 -29.79
N SER C 1 -29.63 1.73 -1.07
CA SER C 1 -30.49 1.35 0.08
C SER C 1 -30.38 2.41 1.19
N GLY C 2 -30.53 3.69 0.77
CA GLY C 2 -30.41 4.87 1.60
C GLY C 2 -29.83 6.06 0.83
N PRO C 3 -29.60 7.22 1.49
CA PRO C 3 -28.85 8.34 0.88
C PRO C 3 -27.38 8.33 1.30
N LEU C 4 -26.46 8.63 0.37
CA LEU C 4 -25.04 8.63 0.71
C LEU C 4 -24.64 10.00 1.24
N LYS C 5 -23.73 10.03 2.21
CA LYS C 5 -23.29 11.25 2.86
C LYS C 5 -21.88 11.60 2.36
N ALA C 6 -21.64 12.86 2.00
CA ALA C 6 -20.28 13.34 1.76
C ALA C 6 -19.76 13.96 3.06
N GLU C 7 -18.49 13.71 3.40
CA GLU C 7 -17.84 14.42 4.49
C GLU C 7 -17.44 15.79 3.99
N ILE C 8 -17.24 16.75 4.92
CA ILE C 8 -17.13 18.15 4.53
C ILE C 8 -15.66 18.56 4.54
N ALA C 9 -15.26 19.31 3.51
CA ALA C 9 -13.90 19.79 3.40
C ALA C 9 -13.72 21.01 4.29
N GLN C 10 -12.51 21.20 4.83
CA GLN C 10 -12.23 22.24 5.81
C GLN C 10 -11.23 23.23 5.21
N ARG C 11 -11.56 24.53 5.24
CA ARG C 11 -10.66 25.55 4.71
C ARG C 11 -9.36 25.55 5.52
N LEU C 12 -8.23 25.84 4.85
CA LEU C 12 -6.96 26.05 5.53
C LEU C 12 -6.97 27.43 6.17
N GLU C 13 -6.07 27.64 7.14
CA GLU C 13 -5.84 28.96 7.69
C GLU C 13 -5.13 29.82 6.65
N ASP C 14 -5.82 30.86 6.15
CA ASP C 14 -5.32 31.84 5.20
C ASP C 14 -3.93 32.35 5.62
N GLU D 1 -5.87 -10.69 3.48
CA GLU D 1 -4.41 -10.33 3.33
C GLU D 1 -3.73 -10.48 4.71
N GLU D 2 -3.25 -11.69 5.02
CA GLU D 2 -3.06 -12.11 6.41
C GLU D 2 -1.62 -11.99 6.87
N HIS D 3 -0.65 -12.51 6.11
CA HIS D 3 0.72 -12.44 6.61
C HIS D 3 1.66 -12.17 5.45
N VAL D 4 2.79 -11.54 5.76
CA VAL D 4 3.75 -11.09 4.76
C VAL D 4 5.16 -11.43 5.21
N ILE D 5 5.86 -12.22 4.41
CA ILE D 5 7.24 -12.51 4.72
C ILE D 5 8.10 -11.79 3.69
N ILE D 6 9.14 -11.09 4.15
CA ILE D 6 9.97 -10.31 3.25
C ILE D 6 11.45 -10.70 3.37
N GLN D 7 12.09 -10.84 2.21
CA GLN D 7 13.52 -11.03 2.14
C GLN D 7 14.09 -9.74 1.55
N ALA D 8 14.92 -9.06 2.34
CA ALA D 8 15.34 -7.75 1.89
C ALA D 8 16.85 -7.67 1.99
N GLU D 9 17.49 -7.34 0.88
CA GLU D 9 18.93 -7.14 0.79
C GLU D 9 19.09 -5.74 0.22
N PHE D 10 20.16 -5.06 0.63
CA PHE D 10 20.56 -3.88 -0.11
C PHE D 10 22.09 -3.79 -0.21
N TYR D 11 22.54 -2.98 -1.18
CA TYR D 11 23.95 -2.63 -1.26
C TYR D 11 24.07 -1.15 -1.58
N LEU D 12 25.02 -0.48 -0.92
CA LEU D 12 25.15 0.97 -0.93
C LEU D 12 26.60 1.34 -1.20
N ASN D 13 26.80 2.25 -2.16
CA ASN D 13 28.11 2.76 -2.56
C ASN D 13 28.19 4.28 -2.45
N PRO D 14 29.38 4.85 -2.11
CA PRO D 14 30.60 4.06 -2.05
C PRO D 14 30.98 3.58 -0.65
N ASP D 15 30.01 3.40 0.23
CA ASP D 15 30.28 2.94 1.58
C ASP D 15 30.65 1.46 1.58
N GLN D 16 30.18 0.75 0.57
CA GLN D 16 30.24 -0.70 0.41
C GLN D 16 29.56 -1.39 1.60
N SER D 17 28.34 -0.95 1.92
CA SER D 17 27.57 -1.53 3.01
C SER D 17 26.53 -2.50 2.44
N GLY D 18 26.53 -3.72 2.98
CA GLY D 18 25.55 -4.70 2.61
C GLY D 18 24.68 -5.08 3.80
N GLU D 19 23.46 -5.47 3.50
CA GLU D 19 22.60 -6.02 4.53
C GLU D 19 21.72 -7.09 3.90
N PHE D 20 21.38 -8.06 4.73
CA PHE D 20 20.46 -9.10 4.33
C PHE D 20 19.67 -9.47 5.58
N MET D 21 18.33 -9.42 5.48
CA MET D 21 17.49 -9.88 6.58
C MET D 21 16.15 -10.44 6.10
N PHE D 22 15.52 -11.25 6.94
CA PHE D 22 14.13 -11.67 6.78
C PHE D 22 13.22 -10.93 7.77
N ASP D 23 12.03 -10.57 7.32
CA ASP D 23 11.10 -9.75 8.06
C ASP D 23 9.75 -10.46 8.03
N PHE D 24 9.15 -10.72 9.20
CA PHE D 24 7.79 -11.25 9.24
C PHE D 24 6.83 -10.18 9.73
N ASP D 25 6.08 -9.58 8.81
CA ASP D 25 4.98 -8.69 9.21
C ASP D 25 5.55 -7.46 9.91
N GLY D 26 6.69 -6.97 9.42
CA GLY D 26 7.27 -5.74 9.90
C GLY D 26 8.31 -5.99 10.97
N ASP D 27 8.33 -7.21 11.53
CA ASP D 27 9.28 -7.55 12.57
C ASP D 27 10.36 -8.44 11.96
N GLU D 28 11.60 -8.35 12.48
CA GLU D 28 12.70 -9.05 11.85
C GLU D 28 12.88 -10.45 12.44
N ILE D 29 13.13 -11.44 11.58
CA ILE D 29 13.40 -12.81 12.03
C ILE D 29 14.90 -12.97 12.25
N PHE D 30 15.71 -12.52 11.30
CA PHE D 30 17.15 -12.56 11.46
C PHE D 30 17.78 -11.73 10.36
N HIS D 31 19.01 -11.31 10.61
CA HIS D 31 19.86 -10.76 9.59
C HIS D 31 21.16 -11.52 9.57
N VAL D 32 21.95 -11.32 8.52
CA VAL D 32 23.26 -11.93 8.41
C VAL D 32 24.31 -10.84 8.55
N ASP D 33 25.30 -11.05 9.42
CA ASP D 33 26.40 -10.12 9.63
C ASP D 33 27.50 -10.42 8.61
N MET D 34 27.81 -9.43 7.76
CA MET D 34 28.80 -9.57 6.69
C MET D 34 30.17 -9.91 7.28
N ALA D 35 30.57 -9.18 8.33
CA ALA D 35 31.88 -9.24 8.97
C ALA D 35 32.16 -10.66 9.48
N LYS D 36 31.23 -11.22 10.28
CA LYS D 36 31.43 -12.50 10.94
C LYS D 36 30.95 -13.64 10.07
N LYS D 37 30.20 -13.33 9.00
CA LYS D 37 29.58 -14.30 8.09
C LYS D 37 28.72 -15.30 8.86
N GLU D 38 27.88 -14.82 9.81
CA GLU D 38 27.01 -15.70 10.59
C GLU D 38 25.59 -15.12 10.71
N THR D 39 24.61 -15.98 10.99
CA THR D 39 23.20 -15.63 11.08
C THR D 39 22.90 -15.13 12.48
N VAL D 40 22.44 -13.88 12.61
CA VAL D 40 22.06 -13.39 13.92
C VAL D 40 20.54 -13.46 14.06
N TRP D 41 20.05 -14.09 15.12
CA TRP D 41 18.61 -14.21 15.32
C TRP D 41 18.11 -13.03 16.13
N ARG D 42 16.90 -12.54 15.83
CA ARG D 42 16.40 -11.37 16.55
C ARG D 42 16.08 -11.76 17.99
N LEU D 43 15.54 -12.98 18.20
CA LEU D 43 15.37 -13.52 19.53
C LEU D 43 16.10 -14.85 19.63
N GLU D 44 16.66 -15.17 20.82
CA GLU D 44 17.39 -16.40 21.04
C GLU D 44 16.53 -17.57 20.57
N GLU D 45 15.25 -17.55 20.94
CA GLU D 45 14.36 -18.67 20.68
C GLU D 45 14.36 -19.10 19.20
N PHE D 46 14.56 -18.17 18.25
CA PHE D 46 14.41 -18.52 16.85
C PHE D 46 15.48 -19.51 16.42
N GLY D 47 16.69 -19.37 16.99
CA GLY D 47 17.79 -20.30 16.78
C GLY D 47 17.41 -21.75 17.12
N ARG D 48 16.38 -21.94 17.96
CA ARG D 48 15.99 -23.27 18.43
C ARG D 48 14.98 -23.93 17.49
N PHE D 49 14.31 -23.17 16.63
CA PHE D 49 13.27 -23.74 15.78
C PHE D 49 13.63 -23.62 14.30
N ALA D 50 14.72 -22.92 13.98
CA ALA D 50 15.02 -22.68 12.59
C ALA D 50 16.53 -22.59 12.40
N SER D 51 16.96 -22.74 11.15
CA SER D 51 18.34 -22.61 10.77
C SER D 51 18.38 -21.77 9.51
N PHE D 52 19.56 -21.18 9.24
CA PHE D 52 19.82 -20.53 7.97
C PHE D 52 21.30 -20.62 7.64
N GLU D 53 21.61 -21.13 6.44
CA GLU D 53 22.98 -21.16 5.98
C GLU D 53 23.35 -19.79 5.41
N ALA D 54 24.26 -19.10 6.10
CA ALA D 54 24.58 -17.70 5.85
C ALA D 54 25.32 -17.51 4.53
N GLN D 55 25.77 -18.60 3.90
CA GLN D 55 26.51 -18.46 2.66
C GLN D 55 25.59 -18.04 1.51
N GLY D 56 24.30 -18.36 1.61
CA GLY D 56 23.33 -17.92 0.61
C GLY D 56 23.24 -16.39 0.58
N ALA D 57 23.39 -15.76 1.75
CA ALA D 57 23.31 -14.31 1.87
C ALA D 57 24.53 -13.63 1.23
N LEU D 58 25.73 -14.06 1.66
CA LEU D 58 26.98 -13.60 1.08
C LEU D 58 26.90 -13.62 -0.44
N ALA D 59 26.36 -14.72 -0.98
CA ALA D 59 26.35 -14.94 -2.42
C ALA D 59 25.45 -13.92 -3.12
N ASN D 60 24.40 -13.48 -2.42
CA ASN D 60 23.45 -12.54 -2.99
C ASN D 60 23.92 -11.09 -2.90
N ILE D 61 24.65 -10.76 -1.84
CA ILE D 61 25.25 -9.45 -1.72
C ILE D 61 26.30 -9.24 -2.81
N ALA D 62 27.04 -10.30 -3.16
CA ALA D 62 27.98 -10.28 -4.27
C ALA D 62 27.29 -9.82 -5.55
N VAL D 63 26.13 -10.42 -5.85
CA VAL D 63 25.42 -10.12 -7.08
C VAL D 63 24.82 -8.72 -6.99
N ASP D 64 24.42 -8.28 -5.79
CA ASP D 64 23.82 -6.97 -5.63
C ASP D 64 24.81 -5.84 -5.85
N LYS D 65 26.05 -6.03 -5.40
CA LYS D 65 27.17 -5.18 -5.74
C LYS D 65 27.34 -5.05 -7.26
N ALA D 66 27.48 -6.20 -7.94
CA ALA D 66 27.63 -6.23 -9.39
C ALA D 66 26.48 -5.49 -10.06
N ASN D 67 25.29 -5.60 -9.47
CA ASN D 67 24.09 -5.06 -10.07
C ASN D 67 24.05 -3.55 -9.85
N LEU D 68 24.39 -3.14 -8.61
CA LEU D 68 24.35 -1.71 -8.32
C LEU D 68 25.32 -0.99 -9.27
N GLU D 69 26.50 -1.56 -9.47
CA GLU D 69 27.44 -0.95 -10.39
C GLU D 69 26.83 -0.77 -11.77
N ILE D 70 26.10 -1.78 -12.29
CA ILE D 70 25.47 -1.71 -13.61
C ILE D 70 24.43 -0.61 -13.64
N MET D 71 23.61 -0.54 -12.58
CA MET D 71 22.53 0.40 -12.55
C MET D 71 23.05 1.83 -12.45
N THR D 72 24.07 2.02 -11.61
CA THR D 72 24.79 3.28 -11.49
C THR D 72 25.19 3.79 -12.87
N LYS D 73 25.95 3.00 -13.65
CA LYS D 73 26.47 3.41 -14.95
C LYS D 73 25.32 3.83 -15.86
N ARG D 74 24.29 2.99 -15.87
CA ARG D 74 23.18 3.13 -16.81
C ARG D 74 22.36 4.37 -16.52
N SER D 75 22.24 4.76 -15.25
CA SER D 75 21.53 5.96 -14.85
C SER D 75 22.38 7.20 -15.07
N ASN D 76 23.62 7.05 -15.56
CA ASN D 76 24.52 8.18 -15.73
C ASN D 76 24.84 8.81 -14.38
N TYR D 77 25.04 7.96 -13.38
CA TYR D 77 25.56 8.37 -12.08
C TYR D 77 24.60 9.32 -11.37
N THR D 78 23.29 9.14 -11.59
CA THR D 78 22.29 9.81 -10.78
C THR D 78 22.30 9.29 -9.35
N PRO D 79 22.53 10.16 -8.35
CA PRO D 79 22.66 9.71 -6.95
C PRO D 79 21.33 9.75 -6.19
N ILE D 80 21.28 9.04 -5.07
CA ILE D 80 20.05 9.09 -4.28
C ILE D 80 19.90 10.47 -3.67
N THR D 81 18.65 10.98 -3.63
CA THR D 81 18.41 12.19 -2.86
C THR D 81 18.10 11.81 -1.41
N ASN D 82 18.86 12.42 -0.49
CA ASN D 82 18.80 12.17 0.95
C ASN D 82 17.41 12.50 1.47
N VAL D 83 16.82 11.58 2.24
CA VAL D 83 15.53 11.80 2.84
C VAL D 83 15.70 11.72 4.35
N PRO D 84 15.51 12.85 5.08
CA PRO D 84 15.84 12.93 6.49
C PRO D 84 14.79 12.14 7.26
N PRO D 85 15.13 11.63 8.47
CA PRO D 85 14.18 10.86 9.27
C PRO D 85 13.23 11.61 10.22
N GLU D 86 12.09 10.99 10.52
CA GLU D 86 11.29 11.27 11.71
C GLU D 86 11.87 10.48 12.88
N VAL D 87 11.85 11.08 14.08
CA VAL D 87 12.38 10.39 15.24
C VAL D 87 11.43 10.60 16.41
N THR D 88 11.19 9.52 17.14
CA THR D 88 10.34 9.47 18.31
C THR D 88 11.15 8.81 19.41
N VAL D 89 10.94 9.25 20.66
CA VAL D 89 11.55 8.55 21.78
C VAL D 89 10.43 8.08 22.70
N LEU D 90 10.34 6.77 22.96
CA LEU D 90 9.30 6.23 23.82
C LEU D 90 9.92 5.30 24.85
N THR D 91 9.16 4.92 25.88
CA THR D 91 9.68 3.87 26.73
C THR D 91 8.91 2.60 26.40
N ASN D 92 9.37 1.50 27.01
CA ASN D 92 8.85 0.18 26.82
C ASN D 92 7.45 0.10 27.42
N SER D 93 7.31 0.66 28.63
CA SER D 93 6.01 0.79 29.27
C SER D 93 5.98 2.07 30.12
N PRO D 94 4.81 2.49 30.70
CA PRO D 94 4.77 3.56 31.69
C PRO D 94 5.87 3.36 32.74
N VAL D 95 6.57 4.46 33.05
CA VAL D 95 7.76 4.46 33.89
C VAL D 95 7.33 4.69 35.34
N GLU D 96 7.84 3.82 36.24
CA GLU D 96 7.74 4.06 37.67
C GLU D 96 9.15 4.29 38.21
N LEU D 97 9.28 5.14 39.24
CA LEU D 97 10.58 5.45 39.82
C LEU D 97 11.23 4.20 40.43
N ARG D 98 12.45 3.87 39.95
CA ARG D 98 13.26 2.79 40.48
C ARG D 98 12.89 1.43 39.83
N GLU D 99 12.04 1.44 38.80
CA GLU D 99 11.69 0.22 38.09
C GLU D 99 12.41 0.24 36.76
N PRO D 100 13.31 -0.74 36.50
CA PRO D 100 14.10 -0.72 35.27
C PRO D 100 13.13 -0.75 34.09
N ASN D 101 13.49 -0.03 33.04
CA ASN D 101 12.68 0.16 31.85
C ASN D 101 13.67 0.33 30.70
N VAL D 102 13.18 0.69 29.52
CA VAL D 102 14.02 0.71 28.33
C VAL D 102 13.56 1.86 27.46
N LEU D 103 14.45 2.82 27.20
CA LEU D 103 14.06 3.91 26.31
C LEU D 103 14.28 3.42 24.90
N ILE D 104 13.27 3.60 24.04
CA ILE D 104 13.37 3.29 22.63
C ILE D 104 13.47 4.58 21.82
N CYS D 105 14.35 4.56 20.83
CA CYS D 105 14.46 5.60 19.84
C CYS D 105 14.11 5.05 18.45
N PHE D 106 12.95 5.48 17.91
CA PHE D 106 12.48 5.01 16.63
C PHE D 106 12.89 6.00 15.52
N ILE D 107 13.79 5.56 14.61
CA ILE D 107 14.18 6.37 13.48
C ILE D 107 13.52 5.78 12.24
N ASP D 108 12.89 6.65 11.44
CA ASP D 108 11.92 6.20 10.46
C ASP D 108 11.89 7.12 9.23
N LYS D 109 11.50 6.56 8.09
CA LYS D 109 11.22 7.23 6.83
C LYS D 109 12.46 7.95 6.29
N PHE D 110 13.62 7.28 6.28
CA PHE D 110 14.85 7.91 5.80
C PHE D 110 15.56 7.05 4.75
N THR D 111 16.45 7.71 3.99
CA THR D 111 17.34 7.08 3.02
C THR D 111 18.45 8.09 2.68
N PRO D 112 19.68 7.65 2.36
CA PRO D 112 20.03 6.24 2.29
C PRO D 112 20.29 5.74 3.72
N PRO D 113 20.53 4.42 3.96
CA PRO D 113 20.68 3.95 5.33
C PRO D 113 22.09 4.15 5.86
N VAL D 114 22.55 5.40 5.97
CA VAL D 114 23.59 5.74 6.94
C VAL D 114 23.00 6.73 7.93
N VAL D 115 23.24 6.48 9.22
CA VAL D 115 22.64 7.30 10.27
C VAL D 115 23.47 7.18 11.54
N ASN D 116 23.88 8.31 12.09
CA ASN D 116 24.68 8.36 13.30
C ASN D 116 23.74 8.66 14.48
N VAL D 117 23.76 7.79 15.50
CA VAL D 117 22.75 7.86 16.56
C VAL D 117 23.43 7.70 17.93
N THR D 118 23.30 8.72 18.77
CA THR D 118 23.85 8.79 20.11
C THR D 118 22.75 9.01 21.14
N TRP D 119 22.91 8.34 22.28
CA TRP D 119 22.09 8.56 23.47
C TRP D 119 22.86 9.50 24.38
N LEU D 120 22.15 10.49 24.96
CA LEU D 120 22.72 11.46 25.86
C LEU D 120 22.01 11.36 27.20
N ARG D 121 22.80 11.25 28.28
CA ARG D 121 22.32 11.41 29.64
C ARG D 121 22.88 12.72 30.17
N ASN D 122 21.98 13.68 30.42
CA ASN D 122 22.33 15.00 30.90
C ASN D 122 23.39 15.61 30.00
N GLY D 123 23.24 15.39 28.69
CA GLY D 123 24.14 15.93 27.68
C GLY D 123 25.38 15.08 27.36
N LYS D 124 25.73 14.14 28.25
CA LYS D 124 26.96 13.37 28.05
C LYS D 124 26.61 12.09 27.28
N PRO D 125 27.33 11.70 26.18
CA PRO D 125 27.07 10.44 25.48
C PRO D 125 27.16 9.20 26.37
N VAL D 126 26.37 8.19 26.06
CA VAL D 126 26.15 7.04 26.93
C VAL D 126 26.27 5.76 26.10
N THR D 127 27.20 4.88 26.49
CA THR D 127 27.51 3.65 25.76
C THR D 127 27.01 2.39 26.49
N THR D 128 27.22 2.28 27.80
CA THR D 128 26.79 1.15 28.61
C THR D 128 25.36 0.75 28.24
N GLY D 129 25.18 -0.50 27.77
CA GLY D 129 23.86 -1.10 27.70
C GLY D 129 23.18 -0.93 26.35
N VAL D 130 23.51 0.15 25.63
CA VAL D 130 22.89 0.44 24.35
C VAL D 130 22.96 -0.78 23.46
N SER D 131 21.91 -0.92 22.63
CA SER D 131 21.82 -1.87 21.54
C SER D 131 20.85 -1.34 20.48
N GLU D 132 20.90 -1.91 19.29
CA GLU D 132 20.18 -1.34 18.16
C GLU D 132 19.85 -2.42 17.14
N THR D 133 19.03 -2.06 16.15
CA THR D 133 18.67 -2.99 15.10
C THR D 133 19.50 -2.65 13.86
N VAL D 134 19.46 -3.55 12.86
CA VAL D 134 19.92 -3.21 11.53
C VAL D 134 18.78 -2.45 10.87
N PHE D 135 18.98 -1.93 9.65
CA PHE D 135 17.96 -1.11 9.03
C PHE D 135 16.86 -1.97 8.42
N LEU D 136 15.61 -1.72 8.78
CA LEU D 136 14.54 -2.58 8.32
C LEU D 136 13.81 -1.90 7.15
N PRO D 137 13.24 -2.67 6.21
CA PRO D 137 12.59 -2.06 5.04
C PRO D 137 11.19 -1.48 5.27
N ARG D 138 10.71 -0.78 4.24
CA ARG D 138 9.44 -0.10 4.20
C ARG D 138 8.85 -0.20 2.79
N GLU D 139 7.52 -0.26 2.67
CA GLU D 139 6.80 -0.30 1.41
C GLU D 139 7.21 0.86 0.49
N ASP D 140 7.61 2.02 1.03
CA ASP D 140 7.98 3.17 0.20
C ASP D 140 9.45 3.14 -0.21
N HIS D 141 10.22 2.20 0.34
CA HIS D 141 11.61 1.88 0.01
C HIS D 141 12.58 2.78 0.78
N LEU D 142 12.08 3.54 1.75
CA LEU D 142 12.86 4.14 2.82
C LEU D 142 13.09 3.12 3.94
N PHE D 143 13.80 3.53 5.00
CA PHE D 143 14.25 2.62 6.05
C PHE D 143 13.73 3.03 7.43
N ARG D 144 13.83 2.10 8.40
CA ARG D 144 13.46 2.29 9.80
C ARG D 144 14.59 1.71 10.63
N LYS D 145 14.87 2.33 11.78
CA LYS D 145 15.87 1.78 12.68
C LYS D 145 15.40 1.97 14.13
N PHE D 146 15.86 1.09 15.03
CA PHE D 146 15.54 1.25 16.44
C PHE D 146 16.83 1.29 17.24
N HIS D 147 16.94 2.22 18.20
CA HIS D 147 17.95 2.14 19.25
C HIS D 147 17.29 1.93 20.61
N TYR D 148 18.03 1.28 21.52
CA TYR D 148 17.52 0.93 22.84
C TYR D 148 18.54 1.28 23.92
N LEU D 149 18.03 1.72 25.05
CA LEU D 149 18.90 1.99 26.18
C LEU D 149 18.13 1.68 27.45
N PRO D 150 18.46 0.54 28.12
CA PRO D 150 17.86 0.22 29.42
C PRO D 150 18.43 1.20 30.44
N PHE D 151 17.57 1.61 31.39
CA PHE D 151 17.88 2.71 32.29
C PHE D 151 17.12 2.51 33.60
N LEU D 152 17.66 3.06 34.68
CA LEU D 152 16.92 3.10 35.93
C LEU D 152 16.37 4.52 36.15
N PRO D 153 15.03 4.70 36.03
CA PRO D 153 14.41 6.03 35.93
C PRO D 153 14.43 6.80 37.25
N SER D 154 14.64 8.13 37.13
CA SER D 154 14.81 8.97 38.32
C SER D 154 14.47 10.42 38.02
N THR D 155 14.20 11.15 39.10
CA THR D 155 13.80 12.54 39.09
C THR D 155 14.81 13.40 38.33
N GLU D 156 16.11 13.20 38.62
CA GLU D 156 17.14 14.18 38.30
C GLU D 156 17.98 13.77 37.08
N ASP D 157 17.37 13.02 36.14
CA ASP D 157 18.07 12.43 35.02
C ASP D 157 17.25 12.66 33.74
N VAL D 158 17.86 13.31 32.75
CA VAL D 158 17.19 13.56 31.47
C VAL D 158 17.94 12.90 30.30
N TYR D 159 17.20 12.49 29.29
CA TYR D 159 17.83 11.84 28.15
C TYR D 159 17.45 12.54 26.85
N ASP D 160 18.25 12.27 25.81
CA ASP D 160 17.95 12.65 24.43
C ASP D 160 18.43 11.55 23.50
N CYS D 161 17.67 11.30 22.44
CA CYS D 161 18.21 10.58 21.30
C CYS D 161 18.81 11.62 20.35
N ARG D 162 20.09 11.48 19.97
CA ARG D 162 20.61 12.41 18.98
C ARG D 162 20.97 11.69 17.68
N VAL D 163 20.34 12.15 16.59
CA VAL D 163 20.45 11.53 15.28
C VAL D 163 21.10 12.52 14.32
N GLU D 164 22.12 12.09 13.58
CA GLU D 164 22.60 12.91 12.48
C GLU D 164 22.43 12.14 11.17
N HIS D 165 22.03 12.83 10.11
CA HIS D 165 21.76 12.20 8.84
C HIS D 165 22.01 13.21 7.72
N TRP D 166 22.50 12.76 6.56
CA TRP D 166 22.88 13.67 5.48
C TRP D 166 21.76 14.60 5.02
N GLY D 167 20.51 14.24 5.29
CA GLY D 167 19.40 15.00 4.74
C GLY D 167 18.89 16.01 5.76
N LEU D 168 19.63 16.14 6.86
CA LEU D 168 19.25 16.87 8.05
C LEU D 168 20.23 18.04 8.16
N ASP D 169 19.66 19.25 8.20
CA ASP D 169 20.40 20.50 8.26
C ASP D 169 21.27 20.52 9.51
N GLU D 170 20.67 20.17 10.65
CA GLU D 170 21.36 20.20 11.93
C GLU D 170 21.06 18.91 12.68
N PRO D 171 21.91 18.43 13.62
CA PRO D 171 21.60 17.25 14.44
C PRO D 171 20.24 17.40 15.13
N LEU D 172 19.47 16.30 15.19
CA LEU D 172 18.08 16.35 15.62
C LEU D 172 18.01 15.65 16.96
N LEU D 173 17.51 16.35 18.01
CA LEU D 173 17.45 15.80 19.35
C LEU D 173 16.00 15.63 19.77
N LYS D 174 15.72 14.53 20.45
CA LYS D 174 14.40 14.24 20.99
C LYS D 174 14.56 13.89 22.47
N HIS D 175 13.93 14.73 23.31
CA HIS D 175 14.09 14.73 24.77
C HIS D 175 13.11 13.73 25.38
N TRP D 176 13.49 13.15 26.52
CA TRP D 176 12.59 12.44 27.41
C TRP D 176 12.93 12.74 28.86
N GLU D 177 11.92 12.92 29.72
CA GLU D 177 12.16 13.08 31.15
C GLU D 177 10.94 12.59 31.92
N PHE D 178 11.19 12.18 33.17
CA PHE D 178 10.15 11.62 34.02
C PHE D 178 9.10 12.68 34.33
N ASP D 179 7.83 12.32 34.06
CA ASP D 179 6.69 13.19 34.27
C ASP D 179 5.80 12.61 35.36
N ALA D 180 5.60 13.39 36.42
CA ALA D 180 4.65 13.10 37.49
C ALA D 180 4.33 14.40 38.25
N MET E 1 27.60 13.54 9.07
CA MET E 1 29.02 13.17 8.75
C MET E 1 29.75 14.38 8.18
N GLY E 2 29.27 14.85 7.01
CA GLY E 2 29.97 15.87 6.26
C GLY E 2 30.64 15.26 5.01
N ASP E 3 30.82 13.93 5.04
CA ASP E 3 31.18 13.12 3.88
C ASP E 3 30.15 13.40 2.78
N THR E 4 30.63 13.91 1.65
CA THR E 4 29.77 14.63 0.72
C THR E 4 29.65 13.90 -0.62
N ARG E 5 30.42 12.81 -0.75
CA ARG E 5 30.40 12.04 -1.99
C ARG E 5 28.99 11.51 -2.19
N PRO E 6 28.44 11.56 -3.43
CA PRO E 6 27.09 11.01 -3.71
C PRO E 6 26.97 9.52 -3.36
N ARG E 7 25.72 9.09 -3.10
CA ARG E 7 25.43 7.71 -2.74
C ARG E 7 24.59 7.06 -3.84
N PHE E 8 24.66 5.73 -3.90
CA PHE E 8 23.97 4.94 -4.91
C PHE E 8 23.53 3.66 -4.23
N LEU E 9 22.24 3.36 -4.35
CA LEU E 9 21.67 2.32 -3.52
C LEU E 9 20.92 1.34 -4.42
N TRP E 10 21.11 0.05 -4.14
CA TRP E 10 20.35 -0.96 -4.83
C TRP E 10 19.70 -1.85 -3.78
N GLN E 11 18.40 -2.11 -3.94
CA GLN E 11 17.69 -3.01 -3.06
C GLN E 11 16.94 -4.05 -3.87
N LEU E 12 16.79 -5.23 -3.26
CA LEU E 12 16.06 -6.35 -3.81
C LEU E 12 15.15 -6.88 -2.70
N LYS E 13 13.86 -6.95 -3.01
CA LYS E 13 12.86 -7.39 -2.05
C LYS E 13 12.05 -8.52 -2.66
N PHE E 14 12.03 -9.68 -2.00
CA PHE E 14 11.11 -10.74 -2.36
C PHE E 14 10.01 -10.78 -1.31
N GLU E 15 8.77 -10.43 -1.66
CA GLU E 15 7.69 -10.44 -0.70
C GLU E 15 6.74 -11.61 -0.98
N CYS E 16 6.49 -12.47 0.03
CA CYS E 16 5.43 -13.45 -0.04
C CYS E 16 4.23 -12.96 0.77
N HIS E 17 3.07 -12.90 0.10
CA HIS E 17 1.80 -12.61 0.73
C HIS E 17 1.04 -13.91 0.94
N PHE E 18 0.57 -14.18 2.17
CA PHE E 18 -0.30 -15.31 2.39
C PHE E 18 -1.69 -14.84 2.80
N PHE E 19 -2.71 -15.55 2.28
CA PHE E 19 -4.10 -15.28 2.60
C PHE E 19 -4.75 -16.59 3.00
N ASN E 20 -5.45 -16.56 4.14
CA ASN E 20 -6.21 -17.70 4.64
C ASN E 20 -5.28 -18.90 4.82
N GLY E 21 -4.23 -18.74 5.64
CA GLY E 21 -3.17 -19.74 5.78
C GLY E 21 -2.30 -19.82 4.52
N THR E 22 -2.11 -21.04 4.01
CA THR E 22 -1.33 -21.20 2.79
C THR E 22 -2.25 -21.44 1.59
N GLU E 23 -3.55 -21.21 1.76
CA GLU E 23 -4.51 -21.53 0.71
C GLU E 23 -4.32 -20.64 -0.53
N ARG E 24 -3.98 -19.37 -0.35
CA ARG E 24 -3.65 -18.47 -1.45
C ARG E 24 -2.35 -17.72 -1.16
N VAL E 25 -1.38 -17.76 -2.09
CA VAL E 25 -0.04 -17.24 -1.85
C VAL E 25 0.43 -16.44 -3.06
N ARG E 26 0.88 -15.20 -2.88
CA ARG E 26 1.34 -14.36 -3.98
C ARG E 26 2.75 -13.84 -3.68
N LEU E 27 3.72 -14.13 -4.57
CA LEU E 27 5.09 -13.68 -4.39
C LEU E 27 5.35 -12.45 -5.26
N LEU E 28 6.20 -11.54 -4.80
CA LEU E 28 6.60 -10.37 -5.57
C LEU E 28 8.11 -10.17 -5.43
N GLU E 29 8.81 -10.07 -6.55
CA GLU E 29 10.24 -9.79 -6.59
C GLU E 29 10.33 -8.37 -7.13
N ARG E 30 10.90 -7.45 -6.36
CA ARG E 30 11.05 -6.06 -6.76
C ARG E 30 12.54 -5.70 -6.69
N CYS E 31 12.95 -4.86 -7.62
CA CYS E 31 14.28 -4.28 -7.61
C CYS E 31 14.11 -2.77 -7.57
N ILE E 32 15.05 -2.10 -6.89
CA ILE E 32 14.87 -0.71 -6.55
C ILE E 32 16.22 -0.07 -6.63
N TYR E 33 16.35 0.87 -7.55
CA TYR E 33 17.58 1.64 -7.57
C TYR E 33 17.26 3.00 -6.97
N ASN E 34 17.86 3.30 -5.82
CA ASN E 34 17.82 4.65 -5.26
C ASN E 34 16.38 5.09 -5.01
N GLN E 35 15.55 4.27 -4.36
CA GLN E 35 14.18 4.72 -4.07
C GLN E 35 13.20 4.68 -5.27
N GLU E 36 13.64 4.30 -6.46
CA GLU E 36 12.69 4.02 -7.54
C GLU E 36 12.77 2.54 -7.88
N GLU E 37 11.63 1.85 -7.81
CA GLU E 37 11.45 0.48 -8.26
C GLU E 37 11.58 0.43 -9.78
N SER E 38 12.48 -0.38 -10.30
CA SER E 38 12.68 -0.40 -11.75
C SER E 38 11.99 -1.59 -12.42
N VAL E 39 12.00 -2.77 -11.80
CA VAL E 39 11.45 -3.98 -12.42
C VAL E 39 10.89 -4.91 -11.34
N ARG E 40 9.86 -5.70 -11.72
CA ARG E 40 9.04 -6.48 -10.80
C ARG E 40 8.63 -7.83 -11.41
N PHE E 41 8.78 -8.91 -10.63
CA PHE E 41 8.10 -10.18 -10.90
C PHE E 41 6.91 -10.35 -9.96
N ASP E 42 5.73 -10.57 -10.55
CA ASP E 42 4.50 -10.85 -9.83
C ASP E 42 3.99 -12.25 -10.15
N SER E 43 3.80 -13.10 -9.13
CA SER E 43 3.36 -14.47 -9.34
C SER E 43 1.97 -14.54 -9.98
N ASP E 44 1.19 -13.45 -9.89
CA ASP E 44 -0.10 -13.35 -10.57
C ASP E 44 0.08 -13.24 -12.09
N VAL E 45 1.30 -12.95 -12.54
CA VAL E 45 1.54 -12.67 -13.96
C VAL E 45 2.42 -13.76 -14.55
N GLY E 46 3.45 -14.15 -13.79
CA GLY E 46 4.38 -15.20 -14.20
C GLY E 46 5.49 -14.71 -15.13
N GLU E 47 5.59 -13.40 -15.31
CA GLU E 47 6.60 -12.78 -16.15
C GLU E 47 7.21 -11.61 -15.38
N TYR E 48 8.39 -11.13 -15.78
CA TYR E 48 8.90 -9.86 -15.30
C TYR E 48 8.27 -8.73 -16.09
N ARG E 49 8.26 -7.53 -15.47
CA ARG E 49 7.69 -6.33 -16.04
C ARG E 49 8.53 -5.16 -15.61
N ALA E 50 8.87 -4.31 -16.58
CA ALA E 50 9.54 -3.06 -16.28
C ALA E 50 8.53 -2.16 -15.58
N VAL E 51 8.99 -1.42 -14.57
CA VAL E 51 8.15 -0.46 -13.89
C VAL E 51 8.48 0.94 -14.42
N THR E 52 9.75 1.17 -14.77
CA THR E 52 10.24 2.41 -15.37
C THR E 52 11.00 2.05 -16.65
N GLU E 53 11.36 3.06 -17.48
CA GLU E 53 12.25 2.93 -18.63
C GLU E 53 13.58 2.24 -18.26
N LEU E 54 14.19 2.62 -17.14
CA LEU E 54 15.47 2.07 -16.67
C LEU E 54 15.49 0.53 -16.73
N GLY E 55 14.31 -0.11 -16.65
CA GLY E 55 14.30 -1.52 -16.35
C GLY E 55 13.65 -2.36 -17.44
N ARG E 56 13.43 -1.77 -18.62
CA ARG E 56 12.79 -2.44 -19.75
C ARG E 56 13.75 -3.47 -20.33
N PRO E 57 15.04 -3.08 -20.54
CA PRO E 57 16.14 -4.02 -20.81
C PRO E 57 16.23 -5.28 -19.94
N ASP E 58 16.07 -5.13 -18.63
CA ASP E 58 16.32 -6.21 -17.71
C ASP E 58 15.10 -7.10 -17.61
N ALA E 59 13.92 -6.55 -17.91
CA ALA E 59 12.72 -7.34 -18.06
C ALA E 59 12.85 -8.26 -19.27
N GLU E 60 13.14 -7.69 -20.45
CA GLU E 60 13.34 -8.45 -21.68
C GLU E 60 14.35 -9.57 -21.47
N TYR E 61 15.46 -9.26 -20.80
CA TYR E 61 16.54 -10.19 -20.60
C TYR E 61 16.09 -11.35 -19.73
N TRP E 62 15.54 -11.06 -18.55
CA TRP E 62 15.13 -12.11 -17.65
C TRP E 62 14.00 -12.91 -18.27
N ASN E 63 13.16 -12.23 -19.07
CA ASN E 63 11.97 -12.86 -19.65
C ASN E 63 12.33 -13.86 -20.72
N SER E 64 13.63 -13.91 -21.07
CA SER E 64 14.10 -14.74 -22.17
C SER E 64 14.78 -16.00 -21.63
N GLN E 65 15.00 -16.05 -20.31
CA GLN E 65 15.55 -17.23 -19.66
C GLN E 65 14.39 -18.05 -19.09
N LYS E 66 14.09 -19.18 -19.76
CA LYS E 66 12.93 -19.96 -19.40
C LYS E 66 13.20 -20.81 -18.16
N ASP E 67 14.47 -21.16 -17.91
CA ASP E 67 14.80 -21.86 -16.69
C ASP E 67 14.50 -20.97 -15.49
N LEU E 68 14.68 -19.65 -15.69
CA LEU E 68 14.46 -18.70 -14.61
C LEU E 68 12.97 -18.46 -14.42
N LEU E 69 12.23 -18.28 -15.52
CA LEU E 69 10.82 -18.02 -15.31
C LEU E 69 10.20 -19.20 -14.59
N GLU E 70 10.59 -20.42 -14.99
CA GLU E 70 9.98 -21.63 -14.47
C GLU E 70 10.23 -21.79 -12.96
N GLN E 71 11.46 -21.49 -12.52
CA GLN E 71 11.82 -21.50 -11.11
C GLN E 71 10.92 -20.52 -10.33
N ARG E 72 10.72 -19.31 -10.86
CA ARG E 72 10.07 -18.22 -10.16
C ARG E 72 8.56 -18.48 -10.09
N ARG E 73 8.04 -19.13 -11.13
CA ARG E 73 6.63 -19.48 -11.12
C ARG E 73 6.41 -20.55 -10.07
N ALA E 74 7.44 -21.34 -9.76
CA ALA E 74 7.28 -22.45 -8.83
C ALA E 74 7.56 -22.03 -7.39
N ALA E 75 8.11 -20.82 -7.22
CA ALA E 75 8.66 -20.38 -5.95
C ALA E 75 7.56 -20.23 -4.90
N VAL E 76 6.35 -19.91 -5.39
CA VAL E 76 5.17 -19.83 -4.56
C VAL E 76 5.07 -21.12 -3.74
N ASP E 77 5.63 -22.21 -4.28
CA ASP E 77 5.56 -23.52 -3.65
C ASP E 77 6.87 -23.83 -2.92
N THR E 78 7.98 -23.70 -3.65
CA THR E 78 9.26 -24.15 -3.15
C THR E 78 9.88 -23.10 -2.23
N TYR E 79 9.32 -21.89 -2.17
CA TYR E 79 9.97 -20.86 -1.37
C TYR E 79 9.01 -20.33 -0.29
N CYS E 80 8.01 -19.54 -0.70
CA CYS E 80 6.90 -19.08 0.13
C CYS E 80 6.36 -20.17 1.05
N ARG E 81 5.65 -21.16 0.48
CA ARG E 81 5.01 -22.19 1.29
C ARG E 81 6.07 -22.94 2.09
N HIS E 82 7.30 -23.00 1.56
CA HIS E 82 8.38 -23.64 2.30
C HIS E 82 8.61 -22.88 3.60
N ASN E 83 8.92 -21.56 3.48
CA ASN E 83 9.32 -20.76 4.64
C ASN E 83 8.17 -20.60 5.62
N TYR E 84 6.94 -20.58 5.10
CA TYR E 84 5.77 -20.49 5.94
C TYR E 84 5.72 -21.69 6.88
N GLY E 85 5.91 -22.90 6.31
CA GLY E 85 5.92 -24.11 7.10
C GLY E 85 7.01 -24.07 8.18
N VAL E 86 8.18 -23.57 7.79
CA VAL E 86 9.31 -23.55 8.70
C VAL E 86 9.04 -22.56 9.82
N GLY E 87 8.46 -21.39 9.51
CA GLY E 87 8.36 -20.32 10.49
C GLY E 87 7.10 -20.37 11.36
N GLU E 88 6.06 -21.09 10.90
CA GLU E 88 4.71 -20.97 11.41
C GLU E 88 4.65 -21.04 12.94
N SER E 89 5.27 -22.05 13.56
CA SER E 89 5.00 -22.25 14.98
C SER E 89 5.41 -21.05 15.84
N PHE E 90 6.32 -20.18 15.35
CA PHE E 90 6.83 -19.08 16.18
C PHE E 90 6.59 -17.68 15.60
N THR E 91 5.79 -17.57 14.53
CA THR E 91 5.48 -16.25 14.01
C THR E 91 3.96 -16.10 13.89
N VAL E 92 3.37 -16.95 13.07
CA VAL E 92 1.94 -17.07 12.86
C VAL E 92 1.25 -17.39 14.18
N GLN E 93 1.88 -18.24 14.99
CA GLN E 93 1.26 -18.81 16.15
C GLN E 93 1.67 -18.08 17.43
N ARG E 94 2.65 -17.17 17.32
CA ARG E 94 3.12 -16.42 18.47
C ARG E 94 1.96 -15.60 19.06
N ARG E 95 1.90 -15.59 20.40
CA ARG E 95 0.86 -14.87 21.13
C ARG E 95 1.37 -14.44 22.51
N VAL E 96 1.33 -13.12 22.75
CA VAL E 96 1.76 -12.51 24.01
C VAL E 96 0.69 -11.55 24.49
N GLU E 97 0.22 -11.82 25.72
CA GLU E 97 -0.83 -11.08 26.38
C GLU E 97 -0.30 -9.71 26.82
N PRO E 98 -1.13 -8.65 26.68
CA PRO E 98 -0.75 -7.32 27.19
C PRO E 98 -0.80 -7.17 28.71
N LYS E 99 0.14 -6.37 29.26
CA LYS E 99 -0.01 -5.64 30.52
C LYS E 99 -0.93 -4.44 30.27
N VAL E 100 -1.97 -4.30 31.12
CA VAL E 100 -2.80 -3.12 31.02
C VAL E 100 -2.73 -2.36 32.34
N THR E 101 -2.46 -1.05 32.26
CA THR E 101 -2.46 -0.14 33.40
C THR E 101 -3.36 1.04 33.07
N VAL E 102 -4.01 1.62 34.08
CA VAL E 102 -4.61 2.93 33.90
C VAL E 102 -3.95 3.92 34.85
N TYR E 103 -3.79 5.18 34.43
CA TYR E 103 -3.23 6.22 35.27
C TYR E 103 -3.69 7.58 34.73
N PRO E 104 -3.94 8.57 35.61
CA PRO E 104 -4.49 9.86 35.22
C PRO E 104 -3.36 10.80 34.84
N SER E 105 -3.66 11.80 34.02
CA SER E 105 -2.64 12.71 33.52
C SER E 105 -3.30 14.06 33.20
N LYS E 106 -2.54 14.96 32.57
CA LYS E 106 -2.95 16.35 32.38
C LYS E 106 -2.72 16.75 30.93
N THR E 107 -3.72 17.35 30.27
CA THR E 107 -3.50 17.91 28.94
C THR E 107 -2.57 19.12 28.98
N GLN E 108 -2.62 19.93 30.06
CA GLN E 108 -1.61 20.94 30.33
C GLN E 108 -1.08 20.71 31.75
N PRO E 109 0.22 20.91 32.07
CA PRO E 109 0.70 20.81 33.46
C PRO E 109 0.21 21.90 34.41
N LEU E 110 -0.38 22.96 33.86
CA LEU E 110 -1.00 24.01 34.67
C LEU E 110 -2.49 23.74 34.87
N GLN E 111 -2.81 22.52 35.37
CA GLN E 111 -4.21 22.16 35.49
C GLN E 111 -4.41 20.88 36.30
N HIS E 112 -5.67 20.42 36.24
CA HIS E 112 -6.22 19.29 36.96
C HIS E 112 -6.01 18.03 36.12
N HIS E 113 -5.93 16.87 36.79
CA HIS E 113 -6.01 15.62 36.07
C HIS E 113 -7.29 15.65 35.22
N ASN E 114 -7.13 15.62 33.90
CA ASN E 114 -8.28 15.71 33.04
C ASN E 114 -8.14 14.70 31.89
N LEU E 115 -7.44 13.60 32.13
CA LEU E 115 -6.97 12.72 31.07
C LEU E 115 -6.60 11.36 31.66
N LEU E 116 -7.37 10.31 31.37
CA LEU E 116 -7.02 8.97 31.81
C LEU E 116 -6.23 8.25 30.74
N VAL E 117 -5.01 7.78 31.06
CA VAL E 117 -4.27 7.03 30.06
C VAL E 117 -4.50 5.53 30.27
N CYS E 118 -4.80 4.84 29.18
CA CYS E 118 -4.85 3.39 29.22
C CYS E 118 -3.66 2.81 28.47
N SER E 119 -2.69 2.30 29.24
CA SER E 119 -1.46 1.80 28.65
C SER E 119 -1.62 0.30 28.43
N VAL E 120 -1.30 -0.13 27.19
CA VAL E 120 -1.41 -1.52 26.79
C VAL E 120 -0.10 -1.90 26.11
N SER E 121 0.71 -2.75 26.76
CA SER E 121 2.04 -2.95 26.22
C SER E 121 2.51 -4.40 26.32
N GLY E 122 3.53 -4.72 25.50
CA GLY E 122 4.15 -6.03 25.45
C GLY E 122 3.31 -7.10 24.78
N PHE E 123 2.44 -6.72 23.84
CA PHE E 123 1.50 -7.67 23.28
C PHE E 123 1.94 -8.07 21.86
N TYR E 124 1.41 -9.21 21.40
CA TYR E 124 1.60 -9.66 20.04
C TYR E 124 0.54 -10.70 19.70
N PRO E 125 -0.09 -10.63 18.51
CA PRO E 125 0.31 -9.70 17.46
C PRO E 125 -0.33 -8.33 17.68
N GLY E 126 -0.38 -7.54 16.61
CA GLY E 126 -0.67 -6.12 16.66
C GLY E 126 -2.15 -5.74 16.58
N SER E 127 -3.08 -6.67 16.35
CA SER E 127 -4.46 -6.21 16.32
C SER E 127 -5.06 -6.18 17.73
N ILE E 128 -5.47 -4.99 18.16
CA ILE E 128 -5.98 -4.77 19.49
C ILE E 128 -7.33 -4.08 19.30
N GLU E 129 -8.21 -4.12 20.31
CA GLU E 129 -9.39 -3.27 20.36
C GLU E 129 -9.43 -2.69 21.76
N VAL E 130 -9.44 -1.37 21.87
CA VAL E 130 -9.47 -0.80 23.21
C VAL E 130 -10.68 0.13 23.34
N ARG E 131 -11.44 -0.02 24.43
CA ARG E 131 -12.67 0.74 24.58
C ARG E 131 -12.76 1.32 25.99
N TRP E 132 -13.27 2.56 26.10
CA TRP E 132 -13.52 3.22 27.37
C TRP E 132 -15.01 3.25 27.75
N PHE E 133 -15.23 3.18 29.07
CA PHE E 133 -16.55 3.13 29.69
C PHE E 133 -16.56 4.04 30.90
N ARG E 134 -17.67 4.76 31.04
CA ARG E 134 -18.01 5.44 32.27
C ARG E 134 -19.26 4.74 32.79
N ASN E 135 -19.14 4.13 33.98
CA ASN E 135 -20.25 3.52 34.69
C ASN E 135 -20.95 2.45 33.86
N GLY E 136 -20.14 1.67 33.12
CA GLY E 136 -20.61 0.53 32.36
C GLY E 136 -21.17 0.93 30.99
N GLN E 137 -21.02 2.21 30.63
CA GLN E 137 -21.54 2.73 29.36
C GLN E 137 -20.37 3.25 28.54
N GLU E 138 -20.23 2.74 27.31
CA GLU E 138 -19.06 3.04 26.50
C GLU E 138 -19.07 4.52 26.13
N GLU E 139 -17.93 5.18 26.30
CA GLU E 139 -17.78 6.57 25.89
C GLU E 139 -17.02 6.58 24.57
N LYS E 140 -17.66 7.17 23.55
CA LYS E 140 -17.06 7.29 22.23
C LYS E 140 -16.22 8.56 22.10
N ALA E 141 -16.67 9.68 22.67
CA ALA E 141 -16.04 10.98 22.45
C ALA E 141 -14.97 11.30 23.49
N GLY E 142 -13.94 12.02 23.02
CA GLY E 142 -12.83 12.49 23.83
C GLY E 142 -11.70 11.47 23.90
N VAL E 143 -11.63 10.56 22.93
CA VAL E 143 -10.60 9.55 22.93
C VAL E 143 -9.59 9.87 21.83
N VAL E 144 -8.31 9.94 22.23
CA VAL E 144 -7.16 10.06 21.36
C VAL E 144 -6.28 8.87 21.66
N SER E 145 -5.39 8.53 20.72
CA SER E 145 -4.47 7.42 20.86
C SER E 145 -3.15 7.74 20.16
N THR E 146 -2.12 7.01 20.59
CA THR E 146 -0.81 7.10 19.97
C THR E 146 -0.82 6.35 18.64
N GLY E 147 -1.88 5.57 18.39
CA GLY E 147 -1.94 4.58 17.33
C GLY E 147 -1.30 3.30 17.85
N LEU E 148 -1.21 2.26 17.01
CA LEU E 148 -0.50 1.05 17.43
C LEU E 148 1.00 1.22 17.16
N ILE E 149 1.84 0.91 18.16
CA ILE E 149 3.26 1.18 18.05
C ILE E 149 4.01 -0.13 18.18
N GLN E 150 4.99 -0.31 17.29
CA GLN E 150 5.78 -1.51 17.17
C GLN E 150 7.15 -1.21 17.78
N ASN E 151 7.51 -1.95 18.83
CA ASN E 151 8.73 -1.74 19.58
C ASN E 151 9.95 -2.25 18.81
N GLY E 152 9.75 -3.21 17.92
CA GLY E 152 10.83 -3.76 17.09
C GLY E 152 11.46 -4.99 17.73
N ASP E 153 10.85 -5.48 18.82
CA ASP E 153 11.34 -6.64 19.56
C ASP E 153 10.23 -7.69 19.65
N TRP E 154 9.35 -7.66 18.65
CA TRP E 154 8.22 -8.57 18.50
C TRP E 154 7.17 -8.31 19.57
N THR E 155 7.11 -7.08 20.07
CA THR E 155 6.01 -6.64 20.92
C THR E 155 5.47 -5.34 20.35
N PHE E 156 4.20 -5.05 20.71
CA PHE E 156 3.52 -3.83 20.32
C PHE E 156 3.09 -3.10 21.60
N GLN E 157 2.78 -1.79 21.47
CA GLN E 157 2.20 -1.03 22.57
C GLN E 157 1.31 0.08 22.03
N THR E 158 0.44 0.60 22.90
CA THR E 158 -0.46 1.67 22.53
C THR E 158 -0.82 2.44 23.81
N LEU E 159 -1.04 3.75 23.67
CA LEU E 159 -1.68 4.50 24.74
C LEU E 159 -3.03 4.95 24.23
N VAL E 160 -4.10 4.72 25.00
CA VAL E 160 -5.41 5.24 24.62
C VAL E 160 -5.94 6.15 25.73
N MET E 161 -6.19 7.42 25.40
CA MET E 161 -6.47 8.45 26.39
C MET E 161 -7.89 8.94 26.24
N LEU E 162 -8.57 9.14 27.38
CA LEU E 162 -9.91 9.70 27.47
C LEU E 162 -9.85 11.05 28.19
N GLU E 163 -10.20 12.13 27.49
CA GLU E 163 -10.29 13.45 28.09
C GLU E 163 -11.58 13.53 28.91
N THR E 164 -11.47 13.63 30.25
CA THR E 164 -12.66 13.82 31.06
C THR E 164 -12.46 14.79 32.22
N VAL E 165 -13.59 15.30 32.72
CA VAL E 165 -13.61 15.81 34.08
C VAL E 165 -14.00 14.65 34.98
N PRO E 166 -13.08 14.15 35.82
CA PRO E 166 -13.39 13.09 36.79
C PRO E 166 -14.30 13.60 37.90
N ARG E 167 -15.57 13.16 37.90
CA ARG E 167 -16.52 13.56 38.93
C ARG E 167 -16.57 12.47 40.01
N SER E 168 -16.38 12.80 41.30
CA SER E 168 -16.29 11.71 42.28
C SER E 168 -17.59 10.89 42.34
N GLY E 169 -17.43 9.57 42.59
CA GLY E 169 -18.49 8.59 42.38
C GLY E 169 -18.32 7.75 41.12
N GLU E 170 -17.52 8.23 40.15
CA GLU E 170 -17.49 7.62 38.83
C GLU E 170 -16.48 6.48 38.76
N VAL E 171 -16.89 5.40 38.09
CA VAL E 171 -16.03 4.28 37.75
C VAL E 171 -15.74 4.28 36.25
N TYR E 172 -14.45 4.37 35.90
CA TYR E 172 -14.01 4.26 34.52
C TYR E 172 -13.38 2.89 34.27
N THR E 173 -13.71 2.27 33.14
CA THR E 173 -13.12 1.01 32.78
C THR E 173 -12.51 1.10 31.39
N CYS E 174 -11.22 0.77 31.32
CA CYS E 174 -10.55 0.50 30.06
C CYS E 174 -10.74 -0.98 29.74
N GLN E 175 -11.29 -1.27 28.55
CA GLN E 175 -11.53 -2.65 28.14
C GLN E 175 -10.77 -3.02 26.87
N VAL E 176 -9.95 -4.08 26.98
CA VAL E 176 -9.01 -4.47 25.93
C VAL E 176 -9.35 -5.86 25.41
N GLU E 177 -9.33 -6.03 24.08
CA GLU E 177 -9.58 -7.31 23.43
C GLU E 177 -8.40 -7.64 22.53
N HIS E 178 -7.99 -8.91 22.56
CA HIS E 178 -6.75 -9.29 21.90
C HIS E 178 -6.74 -10.79 21.67
N PRO E 179 -6.24 -11.26 20.50
CA PRO E 179 -6.20 -12.69 20.18
C PRO E 179 -5.56 -13.62 21.23
N SER E 180 -4.85 -13.06 22.21
CA SER E 180 -4.16 -13.89 23.18
C SER E 180 -5.10 -14.27 24.31
N VAL E 181 -6.29 -13.66 24.34
CA VAL E 181 -7.29 -13.88 25.38
C VAL E 181 -8.66 -14.10 24.74
N THR E 182 -9.46 -14.98 25.35
CA THR E 182 -10.74 -15.40 24.80
C THR E 182 -11.90 -14.59 25.40
N SER E 183 -11.57 -13.73 26.38
CA SER E 183 -12.52 -12.77 26.92
C SER E 183 -11.82 -11.44 27.13
N PRO E 184 -12.57 -10.31 27.10
CA PRO E 184 -11.99 -8.99 27.32
C PRO E 184 -11.30 -8.78 28.67
N LEU E 185 -10.06 -8.24 28.63
CA LEU E 185 -9.34 -7.75 29.79
C LEU E 185 -9.94 -6.40 30.21
N THR E 186 -10.10 -6.18 31.52
CA THR E 186 -10.68 -4.93 31.99
C THR E 186 -9.89 -4.40 33.17
N VAL E 187 -9.56 -3.11 33.17
CA VAL E 187 -9.05 -2.51 34.41
C VAL E 187 -9.78 -1.22 34.74
N GLU E 188 -10.03 -1.02 36.05
CA GLU E 188 -10.88 0.03 36.58
C GLU E 188 -10.04 1.16 37.15
N TRP E 189 -10.61 2.37 37.10
CA TRP E 189 -10.08 3.50 37.87
C TRP E 189 -11.23 4.29 38.47
N ARG E 190 -11.23 4.34 39.82
CA ARG E 190 -12.26 5.01 40.60
C ARG E 190 -11.90 6.47 40.76
N ALA E 191 -12.77 7.35 40.29
CA ALA E 191 -12.65 8.77 40.55
C ALA E 191 -13.02 9.07 42.03
N SER F 1 12.38 -29.05 13.03
CA SER F 1 12.43 -27.56 13.01
C SER F 1 12.20 -27.04 11.58
N GLY F 2 13.30 -26.77 10.89
CA GLY F 2 13.36 -26.49 9.46
C GLY F 2 14.63 -25.71 9.13
N PRO F 3 15.15 -25.78 7.89
CA PRO F 3 16.01 -24.72 7.35
C PRO F 3 15.18 -23.69 6.56
N LEU F 4 15.48 -22.40 6.70
CA LEU F 4 14.82 -21.38 5.88
C LEU F 4 15.55 -21.26 4.55
N LYS F 5 14.82 -21.02 3.47
CA LYS F 5 15.42 -20.98 2.13
C LYS F 5 15.50 -19.53 1.65
N ALA F 6 16.65 -19.09 1.13
CA ALA F 6 16.76 -17.78 0.52
C ALA F 6 16.56 -17.93 -0.97
N GLU F 7 15.88 -16.99 -1.62
CA GLU F 7 15.80 -16.94 -3.08
C GLU F 7 17.10 -16.34 -3.61
N ILE F 8 17.45 -16.64 -4.87
CA ILE F 8 18.79 -16.30 -5.36
C ILE F 8 18.71 -15.06 -6.23
N ALA F 9 19.65 -14.13 -6.01
CA ALA F 9 19.67 -12.88 -6.76
C ALA F 9 20.28 -13.13 -8.14
N GLN F 10 19.78 -12.42 -9.16
CA GLN F 10 20.10 -12.69 -10.56
C GLN F 10 20.82 -11.47 -11.13
N ARG F 11 22.03 -11.65 -11.68
CA ARG F 11 22.79 -10.54 -12.27
C ARG F 11 22.00 -9.90 -13.40
N LEU F 12 22.15 -8.57 -13.55
CA LEU F 12 21.55 -7.84 -14.66
C LEU F 12 22.33 -8.10 -15.93
N GLU F 13 21.72 -7.67 -17.03
CA GLU F 13 22.35 -7.62 -18.33
C GLU F 13 23.48 -6.59 -18.32
N ASP F 14 24.71 -7.09 -18.50
CA ASP F 14 25.93 -6.28 -18.69
C ASP F 14 26.16 -5.95 -20.18
#